data_9H4U
#
_entry.id   9H4U
#
_cell.length_a   96.663
_cell.length_b   120.04
_cell.length_c   141.548
_cell.angle_alpha   90
_cell.angle_beta   90
_cell.angle_gamma   90
#
_symmetry.space_group_name_H-M   'P 21 21 21'
#
loop_
_entity.id
_entity.type
_entity.pdbx_description
1 polymer 'Carbohydrate esterase FI8'
2 non-polymer 'TRIETHYLENE GLYCOL'
3 non-polymer DI(HYDROXYETHYL)ETHER
4 non-polymer 1,2-ETHANEDIOL
5 non-polymer 'CALCIUM ION'
6 water water
#
_entity_poly.entity_id   1
_entity_poly.type   'polypeptide(L)'
_entity_poly.pdbx_seq_one_letter_code
;MKKINLLLFIALQCVFSVSSAQIKLPKLVSDGMVLQRDTPVNLWGWSKPQEVISIVFAEKNYTTRADSEGNWKLKLDATP
AGGPYTIALSASNTITLNDVVFGDVWLCSGQ(A1ITS)NMELPMSRVSPLYEDEIASANNAEIRYFEVPKTYDFKEEKQD
ITFGKWEKVTPETIENFSAVAYFFAKNLNAELQVPIGLINSSLGGSPAEAWISEEGLKKFPEYYTEAERFKDNDLIDSIE
QSDQTRRDTWYKTLNDTDQGIINNWKSADFDFSGWKIMNIPGYWAATEIGDKNGSVWFKKQVEIPKKWLNRPIKLLMGRI
VDADSIFVNDTFIGNTTYQYPPRRYEIPAGILRDGKNTITVRVLNESGKGGFVEEKPYKLVMDEQEIDLRGKWHYKLGSE
MPFLQGQTFIRWKPEGLYNAMIAPFTSMNLKGVIWYQGESNADTPAEYQELFTTLIEDWRSKWNAPEFPFLFVQLANFMA
TKEEPGDSNWARLRDAQRRTLAVPHTGMAVTIDIGEGNDIHPLNKKDVGDRLAQAAKHVAHGKNVVAGSPLYDSMEIEGD
TIIIRFKNTGSGLMAKNGKPGYFAIAGEDQKFIWADAVIKDDKILVSSPAIKNPVAVRYGWADNPEGANIYNKEGFPASP
FRTDNW
;
_entity_poly.pdbx_strand_id   A,B
#
# COMPACT_ATOMS: atom_id res chain seq x y z
N SER A 19 13.37 16.34 49.80
CA SER A 19 14.03 15.95 51.09
C SER A 19 15.33 16.73 51.29
N SER A 20 16.01 16.47 52.43
CA SER A 20 17.21 17.23 52.73
C SER A 20 18.16 16.48 53.68
N ALA A 21 17.87 15.22 54.05
CA ALA A 21 18.77 14.48 54.92
C ALA A 21 19.84 13.77 54.08
N GLN A 22 19.50 13.30 52.87
CA GLN A 22 20.45 12.53 52.09
C GLN A 22 19.98 12.55 50.64
N ILE A 23 20.77 11.95 49.75
CA ILE A 23 20.43 11.95 48.34
C ILE A 23 19.11 11.19 48.17
N LYS A 24 18.19 11.83 47.47
CA LYS A 24 16.91 11.22 47.17
C LYS A 24 16.56 11.53 45.72
N LEU A 25 16.04 10.52 45.02
CA LEU A 25 15.72 10.68 43.61
C LEU A 25 14.21 10.66 43.42
N PRO A 26 13.71 11.42 42.43
CA PRO A 26 12.29 11.38 42.05
C PRO A 26 11.96 9.95 41.63
N LYS A 27 10.71 9.56 41.77
CA LYS A 27 10.26 8.24 41.36
C LYS A 27 10.59 7.99 39.89
N LEU A 28 10.49 9.01 39.05
CA LEU A 28 10.76 8.84 37.61
C LEU A 28 12.23 8.48 37.35
N VAL A 29 13.12 8.95 38.23
CA VAL A 29 14.55 8.79 38.00
C VAL A 29 14.99 7.53 38.75
N SER A 30 14.87 6.39 38.08
CA SER A 30 14.85 5.12 38.78
C SER A 30 15.27 4.02 37.80
N ASP A 31 15.56 2.86 38.39
CA ASP A 31 16.02 1.69 37.64
C ASP A 31 15.08 1.40 36.46
N GLY A 32 15.70 1.14 35.30
CA GLY A 32 14.97 0.77 34.12
C GLY A 32 14.44 1.94 33.30
N MET A 33 14.76 3.19 33.72
CA MET A 33 14.23 4.36 33.05
C MET A 33 14.84 4.54 31.66
N VAL A 34 14.10 5.26 30.81
CA VAL A 34 14.59 5.80 29.56
C VAL A 34 14.95 7.26 29.80
N LEU A 35 16.15 7.66 29.37
CA LEU A 35 16.52 9.06 29.26
C LEU A 35 16.56 9.45 27.79
N GLN A 36 16.37 10.74 27.53
CA GLN A 36 16.35 11.20 26.17
C GLN A 36 17.74 11.14 25.54
N ARG A 37 17.81 10.53 24.34
CA ARG A 37 19.04 10.44 23.57
C ARG A 37 19.41 11.77 22.91
N ASP A 38 20.68 11.88 22.56
CA ASP A 38 21.22 12.88 21.63
C ASP A 38 21.04 14.32 22.10
N THR A 39 20.98 14.52 23.40
CA THR A 39 20.91 15.86 23.96
C THR A 39 21.58 15.84 25.33
N PRO A 40 22.18 16.95 25.81
CA PRO A 40 22.57 17.05 27.22
C PRO A 40 21.29 16.84 28.01
N VAL A 41 21.32 15.93 28.97
CA VAL A 41 20.09 15.36 29.49
C VAL A 41 20.06 15.51 31.01
N ASN A 42 18.98 16.01 31.54
CA ASN A 42 18.87 16.32 32.98
C ASN A 42 18.68 15.11 33.88
N LEU A 43 19.49 15.11 34.95
CA LEU A 43 19.28 14.30 36.13
C LEU A 43 19.11 15.26 37.29
N TRP A 44 18.21 14.94 38.20
CA TRP A 44 17.88 15.88 39.27
C TRP A 44 17.34 15.14 40.48
N GLY A 45 17.42 15.81 41.63
CA GLY A 45 16.90 15.23 42.85
C GLY A 45 17.16 16.16 44.03
N TRP A 46 17.19 15.56 45.22
CA TRP A 46 17.33 16.30 46.47
C TRP A 46 18.50 15.73 47.27
N SER A 47 19.01 16.56 48.17
CA SER A 47 20.16 16.22 49.00
C SER A 47 20.12 17.17 50.21
N LYS A 48 21.16 17.14 51.03
CA LYS A 48 21.30 18.22 52.00
C LYS A 48 21.61 19.51 51.26
N PRO A 49 21.25 20.69 51.82
CA PRO A 49 21.70 21.97 51.26
C PRO A 49 23.19 22.02 51.03
N GLN A 50 23.61 22.57 49.88
CA GLN A 50 25.02 22.70 49.51
C GLN A 50 25.82 21.39 49.45
N GLU A 51 25.16 20.23 49.44
CA GLU A 51 25.89 18.97 49.35
C GLU A 51 26.52 18.83 47.95
N VAL A 52 27.73 18.31 47.93
CA VAL A 52 28.41 18.07 46.67
C VAL A 52 28.06 16.65 46.25
N ILE A 53 27.51 16.49 45.04
CA ILE A 53 27.04 15.20 44.55
C ILE A 53 28.02 14.73 43.49
N SER A 54 28.49 13.50 43.65
CA SER A 54 29.37 12.88 42.69
C SER A 54 28.60 11.85 41.87
N ILE A 55 28.71 11.94 40.53
CA ILE A 55 27.97 11.04 39.66
C ILE A 55 28.95 10.41 38.67
N VAL A 56 28.90 9.08 38.52
CA VAL A 56 29.70 8.40 37.51
C VAL A 56 28.73 7.76 36.50
N PHE A 57 28.90 8.17 35.24
CA PHE A 57 28.08 7.68 34.15
C PHE A 57 28.97 7.50 32.92
N ALA A 58 28.88 6.32 32.31
CA ALA A 58 29.64 5.98 31.10
C ALA A 58 31.12 6.30 31.33
N GLU A 59 31.62 5.87 32.50
CA GLU A 59 33.02 5.94 32.86
C GLU A 59 33.53 7.39 32.99
N LYS A 60 32.63 8.35 33.13
CA LYS A 60 32.99 9.73 33.32
C LYS A 60 32.46 10.21 34.67
N ASN A 61 33.24 11.11 35.29
CA ASN A 61 32.87 11.77 36.53
C ASN A 61 32.16 13.08 36.29
N TYR A 62 31.08 13.29 37.03
CA TYR A 62 30.37 14.55 37.09
C TYR A 62 30.28 14.97 38.55
N THR A 63 30.24 16.28 38.79
CA THR A 63 30.01 16.85 40.11
CA THR A 63 29.89 16.76 40.11
C THR A 63 28.98 17.97 40.00
N THR A 64 28.14 18.13 41.02
CA THR A 64 27.26 19.29 41.10
C THR A 64 27.01 19.54 42.56
N ARG A 65 26.55 20.74 42.86
CA ARG A 65 26.30 21.15 44.23
C ARG A 65 24.82 21.51 44.36
N ALA A 66 24.19 21.03 45.41
CA ALA A 66 22.80 21.35 45.65
C ALA A 66 22.68 22.83 46.07
N ASP A 67 21.51 23.43 45.82
CA ASP A 67 21.22 24.79 46.26
C ASP A 67 20.87 24.78 47.74
N SER A 68 20.45 25.93 48.29
CA SER A 68 20.33 26.03 49.74
C SER A 68 19.08 25.32 50.25
N GLU A 69 18.15 24.95 49.34
CA GLU A 69 16.99 24.14 49.69
C GLU A 69 17.23 22.63 49.49
N GLY A 70 18.39 22.26 48.96
CA GLY A 70 18.74 20.85 48.82
C GLY A 70 18.27 20.31 47.49
N ASN A 71 18.13 21.19 46.50
CA ASN A 71 17.77 20.76 45.15
C ASN A 71 19.04 20.71 44.32
N TRP A 72 19.24 19.67 43.51
CA TRP A 72 20.39 19.61 42.63
C TRP A 72 19.94 19.11 41.26
N LYS A 73 20.75 19.44 40.26
CA LYS A 73 20.42 19.08 38.89
C LYS A 73 21.71 19.25 38.09
N LEU A 74 21.86 18.43 37.07
N LEU A 74 21.94 18.35 37.13
CA LEU A 74 22.91 18.67 36.11
CA LEU A 74 23.09 18.42 36.24
C LEU A 74 22.52 18.02 34.80
C LEU A 74 22.79 17.69 34.93
N LYS A 75 23.41 18.18 33.83
CA LYS A 75 23.27 17.57 32.51
C LYS A 75 24.35 16.52 32.32
N LEU A 76 23.93 15.31 31.99
CA LEU A 76 24.84 14.29 31.52
C LEU A 76 25.12 14.56 30.06
N ASP A 77 26.25 14.09 29.57
CA ASP A 77 26.60 14.27 28.16
C ASP A 77 25.58 13.57 27.25
N ALA A 78 25.33 14.21 26.09
CA ALA A 78 24.52 13.66 25.01
C ALA A 78 24.99 12.26 24.67
N THR A 79 24.06 11.31 24.72
CA THR A 79 24.33 9.92 24.52
C THR A 79 23.42 9.35 23.44
N PRO A 80 23.95 8.56 22.49
CA PRO A 80 23.12 7.95 21.45
C PRO A 80 22.23 6.85 22.00
N ALA A 81 21.24 6.50 21.21
CA ALA A 81 20.33 5.44 21.59
C ALA A 81 21.08 4.19 22.01
N GLY A 82 20.54 3.57 23.06
CA GLY A 82 20.99 2.27 23.49
C GLY A 82 21.29 2.23 24.98
N GLY A 83 22.02 1.18 25.33
CA GLY A 83 22.26 0.84 26.73
C GLY A 83 22.45 -0.67 26.86
N PRO A 84 22.45 -1.23 28.09
CA PRO A 84 22.16 -0.48 29.32
C PRO A 84 23.36 0.26 29.91
N TYR A 85 23.04 1.23 30.78
CA TYR A 85 24.02 1.99 31.54
C TYR A 85 23.66 1.94 33.02
N THR A 86 24.68 2.10 33.87
CA THR A 86 24.47 2.37 35.27
C THR A 86 24.81 3.83 35.51
N ILE A 87 24.19 4.40 36.54
CA ILE A 87 24.55 5.75 36.99
C ILE A 87 24.74 5.64 38.50
N ALA A 88 25.96 5.94 38.96
CA ALA A 88 26.23 5.85 40.39
C ALA A 88 26.26 7.26 40.97
N LEU A 89 25.51 7.47 42.05
CA LEU A 89 25.41 8.79 42.70
C LEU A 89 25.88 8.67 44.14
N SER A 90 26.68 9.62 44.62
CA SER A 90 27.22 9.49 45.97
C SER A 90 27.41 10.87 46.61
N ALA A 91 27.14 10.89 47.92
CA ALA A 91 27.45 12.02 48.79
C ALA A 91 27.47 11.44 50.22
N SER A 92 26.51 11.84 51.08
CA SER A 92 26.42 11.23 52.39
C SER A 92 25.87 9.81 52.31
N ASN A 93 25.09 9.50 51.26
CA ASN A 93 24.66 8.14 50.95
C ASN A 93 24.94 7.90 49.46
N THR A 94 24.62 6.70 48.99
CA THR A 94 24.88 6.37 47.60
C THR A 94 23.71 5.55 47.04
N ILE A 95 23.48 5.77 45.75
CA ILE A 95 22.38 5.19 44.99
C ILE A 95 22.97 4.80 43.65
N THR A 96 22.62 3.60 43.16
CA THR A 96 22.98 3.20 41.80
C THR A 96 21.69 3.02 40.98
N LEU A 97 21.63 3.66 39.80
CA LEU A 97 20.55 3.42 38.83
C LEU A 97 21.05 2.37 37.85
N ASN A 98 20.24 1.34 37.66
CA ASN A 98 20.61 0.21 36.81
C ASN A 98 19.68 0.16 35.62
N ASP A 99 20.17 -0.46 34.54
CA ASP A 99 19.37 -0.74 33.35
C ASP A 99 18.79 0.53 32.74
N VAL A 100 19.57 1.60 32.73
CA VAL A 100 19.15 2.84 32.11
C VAL A 100 19.41 2.77 30.61
N VAL A 101 18.43 3.17 29.81
CA VAL A 101 18.65 3.19 28.36
C VAL A 101 18.37 4.59 27.83
N PHE A 102 18.94 4.88 26.67
CA PHE A 102 18.72 6.15 25.99
C PHE A 102 17.84 5.92 24.77
N GLY A 103 16.81 6.74 24.67
CA GLY A 103 15.86 6.65 23.56
C GLY A 103 15.01 7.90 23.48
N ASP A 104 13.82 7.76 22.91
CA ASP A 104 12.90 8.87 22.82
C ASP A 104 11.87 8.73 23.94
N VAL A 105 11.70 9.81 24.72
CA VAL A 105 10.80 9.80 25.85
C VAL A 105 9.60 10.66 25.52
N TRP A 106 8.41 10.07 25.65
CA TRP A 106 7.18 10.72 25.26
C TRP A 106 6.26 10.80 26.49
N LEU A 107 5.71 11.98 26.74
CA LEU A 107 4.68 12.16 27.74
C LEU A 107 3.32 11.98 27.06
N CYS A 108 2.50 11.11 27.65
CA CYS A 108 1.24 10.66 27.07
C CYS A 108 0.13 11.07 28.04
N SER A 109 -0.80 11.94 27.62
CA SER A 109 -1.74 12.53 28.54
C SER A 109 -3.11 12.73 27.88
N GLY A 110 -4.10 13.10 28.71
CA GLY A 110 -5.47 13.31 28.27
C GLY A 110 -6.48 12.65 29.19
N GLN A 111 -7.62 12.32 28.60
CA GLN A 111 -8.71 11.65 29.33
C GLN A 111 -8.77 10.16 28.93
N SER A 112 -9.93 9.52 29.03
CA SER A 112 -9.92 8.06 29.11
C SER A 112 -9.37 7.43 27.83
N ASN A 113 -9.57 8.05 26.65
CA ASN A 113 -9.14 7.34 25.45
C ASN A 113 -7.62 7.27 25.40
N MET A 114 -6.93 8.11 26.18
CA MET A 114 -5.49 7.88 26.37
C MET A 114 -5.28 6.81 27.44
N GLU A 115 -6.13 6.81 28.46
CA GLU A 115 -5.98 5.84 29.53
C GLU A 115 -6.30 4.41 29.07
N LEU A 116 -7.20 4.22 28.10
CA LEU A 116 -7.84 2.93 27.84
C LEU A 116 -6.77 1.88 27.63
N PRO A 117 -6.72 0.83 28.49
CA PRO A 117 -5.65 -0.17 28.40
C PRO A 117 -5.84 -1.25 27.34
N MET A 118 -4.75 -1.95 27.04
CA MET A 118 -4.75 -3.03 26.09
C MET A 118 -5.80 -4.09 26.46
N SER A 119 -6.02 -4.32 27.76
CA SER A 119 -7.02 -5.32 28.16
C SER A 119 -8.41 -4.96 27.64
N ARG A 120 -8.72 -3.67 27.57
CA ARG A 120 -10.06 -3.22 27.16
C ARG A 120 -10.25 -3.38 25.65
N VAL A 121 -9.16 -3.36 24.88
CA VAL A 121 -9.27 -3.46 23.45
C VAL A 121 -8.84 -4.84 22.97
N SER A 122 -8.63 -5.79 23.90
CA SER A 122 -8.05 -7.09 23.63
C SER A 122 -8.76 -7.82 22.47
N PRO A 123 -10.08 -7.75 22.27
CA PRO A 123 -10.70 -8.55 21.19
C PRO A 123 -10.20 -8.26 19.79
N LEU A 124 -9.65 -7.05 19.56
CA LEU A 124 -9.03 -6.72 18.28
C LEU A 124 -7.57 -7.18 18.23
N TYR A 125 -6.92 -7.42 19.37
CA TYR A 125 -5.46 -7.52 19.40
C TYR A 125 -4.98 -8.73 20.21
N GLU A 126 -5.68 -9.88 20.11
CA GLU A 126 -5.33 -11.00 20.96
C GLU A 126 -3.93 -11.54 20.66
N ASP A 127 -3.52 -11.61 19.38
CA ASP A 127 -2.21 -12.12 19.05
C ASP A 127 -1.13 -11.17 19.57
N GLU A 128 -1.39 -9.85 19.47
CA GLU A 128 -0.44 -8.84 19.95
C GLU A 128 -0.21 -8.96 21.45
N ILE A 129 -1.29 -9.16 22.20
CA ILE A 129 -1.20 -9.24 23.64
C ILE A 129 -0.48 -10.51 24.08
N ALA A 130 -0.81 -11.65 23.46
CA ALA A 130 -0.21 -12.90 23.90
C ALA A 130 1.30 -12.94 23.72
N SER A 131 1.79 -12.25 22.68
CA SER A 131 3.18 -12.31 22.24
C SER A 131 4.03 -11.11 22.66
N ALA A 132 3.42 -10.06 23.21
CA ALA A 132 4.12 -8.81 23.42
C ALA A 132 5.32 -8.96 24.34
N ASN A 133 6.50 -8.60 23.83
CA ASN A 133 7.72 -8.79 24.55
C ASN A 133 8.78 -7.92 23.90
N ASN A 134 9.08 -6.75 24.50
CA ASN A 134 10.02 -5.80 23.90
C ASN A 134 10.62 -4.99 25.02
N ALA A 135 11.89 -5.30 25.34
CA ALA A 135 12.54 -4.64 26.47
C ALA A 135 12.90 -3.20 26.14
N GLU A 136 12.78 -2.80 24.85
CA GLU A 136 13.14 -1.45 24.46
CA GLU A 136 13.11 -1.48 24.34
C GLU A 136 11.91 -0.54 24.45
N ILE A 137 10.69 -1.04 24.79
CA ILE A 137 9.53 -0.19 24.97
C ILE A 137 9.24 -0.21 26.46
N ARG A 138 9.31 0.95 27.10
CA ARG A 138 9.24 1.01 28.55
C ARG A 138 8.19 2.05 28.96
N TYR A 139 7.52 1.79 30.08
CA TYR A 139 6.30 2.48 30.45
C TYR A 139 6.32 2.87 31.91
N PHE A 140 5.85 4.09 32.17
CA PHE A 140 5.82 4.65 33.52
C PHE A 140 4.43 5.21 33.74
N GLU A 141 3.67 4.53 34.63
CA GLU A 141 2.33 4.98 34.97
C GLU A 141 2.38 5.98 36.13
N VAL A 142 1.80 7.16 35.92
CA VAL A 142 1.78 8.22 36.92
C VAL A 142 0.51 8.08 37.75
N PRO A 143 0.59 8.12 39.09
CA PRO A 143 -0.62 8.03 39.93
C PRO A 143 -1.65 9.12 39.60
N LYS A 144 -2.95 8.76 39.67
CA LYS A 144 -4.00 9.67 39.23
C LYS A 144 -4.53 10.44 40.44
N THR A 145 -4.04 11.67 40.59
CA THR A 145 -4.40 12.46 41.77
C THR A 145 -4.26 13.95 41.43
N TYR A 146 -4.66 14.79 42.39
CA TYR A 146 -4.66 16.24 42.19
C TYR A 146 -3.98 16.89 43.40
N ASP A 147 -3.59 18.14 43.22
CA ASP A 147 -3.20 19.02 44.32
C ASP A 147 -3.50 20.45 43.90
N PHE A 148 -4.23 21.18 44.76
CA PHE A 148 -4.58 22.54 44.45
C PHE A 148 -3.64 23.56 45.09
N LYS A 149 -2.86 23.15 46.07
CA LYS A 149 -2.06 24.11 46.83
C LYS A 149 -0.69 24.36 46.23
N GLU A 150 -0.13 23.40 45.52
CA GLU A 150 1.19 23.66 44.96
C GLU A 150 1.50 22.73 43.80
N GLU A 151 2.49 23.17 43.05
CA GLU A 151 3.06 22.37 41.98
C GLU A 151 3.98 21.34 42.62
N LYS A 152 3.71 20.05 42.41
CA LYS A 152 4.43 19.03 43.13
C LYS A 152 5.73 18.69 42.41
N GLN A 153 6.71 18.25 43.18
CA GLN A 153 8.02 17.91 42.63
C GLN A 153 8.23 16.41 42.49
N ASP A 154 7.34 15.58 43.03
CA ASP A 154 7.45 14.13 42.98
C ASP A 154 6.03 13.57 43.00
N ILE A 155 5.94 12.25 42.91
CA ILE A 155 4.72 11.50 42.97
C ILE A 155 4.87 10.46 44.07
N THR A 156 3.77 9.79 44.43
CA THR A 156 3.79 8.92 45.61
C THR A 156 4.45 7.59 45.27
N PHE A 157 4.27 7.10 44.04
CA PHE A 157 4.89 5.83 43.68
C PHE A 157 4.95 5.71 42.16
N GLY A 158 5.83 4.85 41.69
CA GLY A 158 5.84 4.55 40.28
C GLY A 158 7.12 3.84 39.94
N LYS A 159 7.08 3.02 38.89
CA LYS A 159 8.25 2.32 38.43
C LYS A 159 8.14 2.13 36.93
N TRP A 160 9.31 2.06 36.29
CA TRP A 160 9.41 1.75 34.87
C TRP A 160 9.20 0.26 34.65
N GLU A 161 8.39 -0.06 33.66
CA GLU A 161 8.13 -1.44 33.31
C GLU A 161 8.42 -1.62 31.83
N LYS A 162 8.80 -2.81 31.45
CA LYS A 162 9.01 -3.16 30.06
C LYS A 162 7.78 -3.88 29.52
N VAL A 163 7.66 -3.90 28.19
CA VAL A 163 6.61 -4.68 27.55
C VAL A 163 6.94 -6.17 27.69
N THR A 164 6.03 -6.90 28.36
CA THR A 164 6.05 -8.34 28.49
C THR A 164 4.60 -8.79 28.40
N PRO A 165 4.36 -10.10 28.24
CA PRO A 165 2.99 -10.56 28.27
C PRO A 165 2.32 -10.32 29.61
N GLU A 166 3.11 -10.15 30.67
CA GLU A 166 2.59 -9.93 32.01
C GLU A 166 2.30 -8.45 32.29
N THR A 167 2.85 -7.53 31.48
CA THR A 167 2.62 -6.09 31.75
C THR A 167 1.74 -5.43 30.70
N ILE A 168 1.65 -5.99 29.49
CA ILE A 168 1.05 -5.31 28.36
C ILE A 168 -0.41 -4.96 28.62
N GLU A 169 -1.16 -5.83 29.33
CA GLU A 169 -2.59 -5.64 29.45
C GLU A 169 -2.97 -4.34 30.14
N ASN A 170 -2.10 -3.82 30.98
CA ASN A 170 -2.42 -2.63 31.75
C ASN A 170 -1.87 -1.37 31.09
N PHE A 171 -1.16 -1.48 29.98
CA PHE A 171 -0.65 -0.30 29.28
C PHE A 171 -1.74 0.38 28.44
N SER A 172 -1.70 1.72 28.37
CA SER A 172 -2.46 2.49 27.40
C SER A 172 -2.29 1.92 26.00
N ALA A 173 -3.41 1.61 25.34
CA ALA A 173 -3.37 1.07 23.99
C ALA A 173 -2.83 2.07 22.99
N VAL A 174 -3.28 3.31 23.09
CA VAL A 174 -2.81 4.32 22.15
C VAL A 174 -1.31 4.53 22.32
N ALA A 175 -0.84 4.64 23.56
CA ALA A 175 0.58 4.89 23.79
C ALA A 175 1.41 3.68 23.31
N TYR A 176 0.94 2.47 23.58
CA TYR A 176 1.64 1.28 23.18
C TYR A 176 1.76 1.18 21.66
N PHE A 177 0.67 1.38 20.94
CA PHE A 177 0.77 1.26 19.49
C PHE A 177 1.62 2.39 18.89
N PHE A 178 1.57 3.58 19.47
CA PHE A 178 2.46 4.67 19.07
C PHE A 178 3.93 4.24 19.21
N ALA A 179 4.28 3.73 20.37
CA ALA A 179 5.65 3.29 20.61
C ALA A 179 6.06 2.12 19.71
N LYS A 180 5.15 1.16 19.52
CA LYS A 180 5.46 -0.01 18.71
C LYS A 180 5.85 0.47 17.32
N ASN A 181 5.07 1.39 16.76
CA ASN A 181 5.34 1.93 15.44
C ASN A 181 6.71 2.61 15.38
N LEU A 182 6.95 3.54 16.31
CA LEU A 182 8.21 4.29 16.30
C LEU A 182 9.42 3.41 16.58
N ASN A 183 9.32 2.49 17.53
CA ASN A 183 10.42 1.60 17.81
C ASN A 183 10.74 0.74 16.57
N ALA A 184 9.69 0.30 15.87
CA ALA A 184 9.88 -0.57 14.70
C ALA A 184 10.62 0.13 13.57
N GLU A 185 10.32 1.42 13.39
CA GLU A 185 10.91 2.19 12.32
C GLU A 185 12.25 2.81 12.69
N LEU A 186 12.35 3.50 13.84
CA LEU A 186 13.56 4.18 14.25
C LEU A 186 14.60 3.27 14.90
N GLN A 187 14.20 2.12 15.42
CA GLN A 187 15.11 1.14 16.00
C GLN A 187 15.83 1.68 17.24
N VAL A 188 15.10 2.42 18.06
CA VAL A 188 15.62 2.95 19.31
C VAL A 188 14.60 2.66 20.41
N PRO A 189 15.02 2.66 21.68
CA PRO A 189 14.08 2.58 22.78
C PRO A 189 13.09 3.74 22.80
N ILE A 190 11.91 3.44 23.27
CA ILE A 190 10.86 4.43 23.45
C ILE A 190 10.40 4.33 24.90
N GLY A 191 10.41 5.45 25.60
CA GLY A 191 9.86 5.52 26.95
C GLY A 191 8.55 6.30 26.93
N LEU A 192 7.53 5.76 27.60
CA LEU A 192 6.19 6.33 27.63
C LEU A 192 5.87 6.68 29.08
N ILE A 193 5.61 7.96 29.34
CA ILE A 193 5.15 8.42 30.67
C ILE A 193 3.66 8.69 30.57
N ASN A 194 2.83 7.83 31.20
CA ASN A 194 1.39 7.93 31.04
CA ASN A 194 1.40 7.93 31.05
C ASN A 194 0.85 8.71 32.23
N SER A 195 0.41 9.93 31.93
CA SER A 195 -0.22 10.82 32.89
C SER A 195 -1.57 11.26 32.34
N SER A 196 -2.60 10.46 32.64
CA SER A 196 -3.94 10.64 32.09
C SER A 196 -5.00 10.40 33.16
N LEU A 197 -6.21 10.91 32.93
CA LEU A 197 -7.26 10.80 33.94
C LEU A 197 -8.62 10.84 33.28
N GLY A 198 -9.40 9.74 33.43
CA GLY A 198 -10.70 9.65 32.78
C GLY A 198 -11.63 10.79 33.16
N GLY A 199 -12.33 11.31 32.16
CA GLY A 199 -13.34 12.35 32.27
C GLY A 199 -12.78 13.75 32.49
N SER A 200 -11.45 13.90 32.52
CA SER A 200 -10.85 15.18 32.84
C SER A 200 -11.01 16.19 31.69
N PRO A 201 -11.35 17.46 32.02
CA PRO A 201 -11.36 18.54 31.05
C PRO A 201 -10.00 19.23 30.94
N ALA A 202 -9.80 19.95 29.87
CA ALA A 202 -8.49 20.50 29.55
C ALA A 202 -8.00 21.40 30.69
N GLU A 203 -8.90 22.16 31.31
CA GLU A 203 -8.49 23.15 32.29
C GLU A 203 -7.94 22.51 33.58
N ALA A 204 -8.22 21.22 33.82
CA ALA A 204 -7.59 20.53 34.94
C ALA A 204 -6.07 20.40 34.78
N TRP A 205 -5.61 20.49 33.53
CA TRP A 205 -4.24 20.14 33.14
C TRP A 205 -3.39 21.39 32.87
N ILE A 206 -3.89 22.56 33.23
CA ILE A 206 -3.21 23.85 32.96
C ILE A 206 -2.78 24.43 34.30
N SER A 207 -1.53 24.95 34.33
CA SER A 207 -0.96 25.54 35.53
C SER A 207 -1.68 26.85 35.88
N GLU A 208 -1.41 27.32 37.10
CA GLU A 208 -1.93 28.61 37.56
C GLU A 208 -1.58 29.75 36.60
N GLU A 209 -0.37 29.77 36.04
CA GLU A 209 0.03 30.81 35.10
C GLU A 209 -0.82 30.79 33.82
N GLY A 210 -1.06 29.60 33.25
CA GLY A 210 -1.88 29.52 32.07
C GLY A 210 -3.34 29.86 32.31
N LEU A 211 -3.83 29.56 33.51
CA LEU A 211 -5.23 29.77 33.85
C LEU A 211 -5.52 31.27 34.03
N LYS A 212 -4.49 32.11 34.06
CA LYS A 212 -4.76 33.54 34.22
C LYS A 212 -5.59 34.06 33.06
N LYS A 213 -5.46 33.46 31.88
CA LYS A 213 -6.25 33.83 30.71
C LYS A 213 -7.72 33.40 30.83
N PHE A 214 -8.07 32.59 31.85
CA PHE A 214 -9.41 32.03 32.02
C PHE A 214 -9.88 32.30 33.45
N PRO A 215 -10.29 33.54 33.77
CA PRO A 215 -10.73 33.86 35.12
C PRO A 215 -11.67 32.89 35.80
N GLU A 216 -12.67 32.36 35.09
CA GLU A 216 -13.62 31.45 35.70
C GLU A 216 -12.88 30.24 36.29
N TYR A 217 -11.90 29.70 35.56
CA TYR A 217 -11.19 28.49 35.99
C TYR A 217 -10.11 28.82 37.03
N TYR A 218 -9.43 29.97 36.88
CA TYR A 218 -8.48 30.45 37.88
C TYR A 218 -9.12 30.55 39.28
N THR A 219 -10.31 31.19 39.35
CA THR A 219 -11.00 31.41 40.62
CA THR A 219 -10.93 31.41 40.64
C THR A 219 -11.46 30.08 41.21
N GLU A 220 -11.87 29.13 40.35
CA GLU A 220 -12.30 27.82 40.82
C GLU A 220 -11.13 27.04 41.43
N ALA A 221 -9.95 27.07 40.75
CA ALA A 221 -8.78 26.42 41.31
C ALA A 221 -8.49 26.98 42.70
N GLU A 222 -8.61 28.30 42.84
CA GLU A 222 -8.32 28.92 44.13
C GLU A 222 -9.30 28.43 45.19
N ARG A 223 -10.56 28.29 44.80
CA ARG A 223 -11.59 27.83 45.72
C ARG A 223 -11.21 26.51 46.36
N PHE A 224 -10.59 25.61 45.55
CA PHE A 224 -10.34 24.25 46.01
C PHE A 224 -9.05 24.12 46.83
N LYS A 225 -8.36 25.23 47.14
CA LYS A 225 -7.27 25.16 48.11
C LYS A 225 -7.78 24.91 49.53
N ASP A 226 -9.08 25.01 49.73
CA ASP A 226 -9.68 24.77 51.03
C ASP A 226 -10.01 23.30 51.19
N ASN A 227 -9.21 22.59 51.99
CA ASN A 227 -9.42 21.18 52.25
C ASN A 227 -10.77 20.92 52.91
N ASP A 228 -11.28 21.87 53.72
CA ASP A 228 -12.53 21.62 54.41
C ASP A 228 -13.68 21.62 53.42
N LEU A 229 -13.56 22.40 52.35
CA LEU A 229 -14.53 22.39 51.27
C LEU A 229 -14.51 21.01 50.60
N ILE A 230 -13.31 20.54 50.29
CA ILE A 230 -13.15 19.25 49.66
C ILE A 230 -13.80 18.17 50.51
N ASP A 231 -13.48 18.20 51.80
CA ASP A 231 -13.95 17.18 52.72
C ASP A 231 -15.47 17.22 52.80
N SER A 232 -16.06 18.42 52.86
CA SER A 232 -17.52 18.54 52.97
C SER A 232 -18.23 18.03 51.70
N ILE A 233 -17.67 18.36 50.53
CA ILE A 233 -18.23 17.86 49.27
C ILE A 233 -18.13 16.35 49.23
N GLU A 234 -16.97 15.78 49.53
CA GLU A 234 -16.80 14.34 49.35
C GLU A 234 -17.67 13.55 50.33
N GLN A 235 -17.81 14.05 51.56
CA GLN A 235 -18.59 13.38 52.57
C GLN A 235 -20.07 13.41 52.20
N SER A 236 -20.55 14.55 51.71
CA SER A 236 -21.93 14.66 51.27
C SER A 236 -22.19 13.69 50.10
N ASP A 237 -21.30 13.66 49.12
CA ASP A 237 -21.46 12.77 47.97
C ASP A 237 -21.45 11.31 48.37
N GLN A 238 -20.56 10.96 49.29
CA GLN A 238 -20.40 9.59 49.74
C GLN A 238 -21.64 9.12 50.49
N THR A 239 -22.25 9.99 51.33
CA THR A 239 -23.39 9.57 52.12
CA THR A 239 -23.40 9.58 52.13
C THR A 239 -24.61 9.45 51.20
N ARG A 240 -24.74 10.32 50.20
CA ARG A 240 -25.82 10.19 49.23
CA ARG A 240 -25.83 10.18 49.25
C ARG A 240 -25.69 8.84 48.50
N ARG A 241 -24.50 8.53 48.01
CA ARG A 241 -24.33 7.30 47.25
C ARG A 241 -24.62 6.09 48.16
N ASP A 242 -23.96 6.03 49.32
CA ASP A 242 -24.12 4.89 50.22
C ASP A 242 -25.58 4.68 50.62
N THR A 243 -26.31 5.75 50.94
CA THR A 243 -27.69 5.64 51.35
CA THR A 243 -27.70 5.61 51.36
C THR A 243 -28.55 5.12 50.19
N TRP A 244 -28.25 5.58 48.97
CA TRP A 244 -28.99 5.13 47.79
C TRP A 244 -28.83 3.61 47.59
N TYR A 245 -27.59 3.15 47.59
CA TYR A 245 -27.33 1.73 47.39
C TYR A 245 -27.91 0.91 48.53
N LYS A 246 -27.87 1.43 49.75
CA LYS A 246 -28.41 0.69 50.88
C LYS A 246 -29.92 0.61 50.78
N THR A 247 -30.60 1.70 50.45
CA THR A 247 -32.04 1.70 50.35
C THR A 247 -32.49 0.79 49.17
N LEU A 248 -31.73 0.83 48.06
CA LEU A 248 -31.98 -0.03 46.91
C LEU A 248 -31.98 -1.49 47.33
N ASN A 249 -30.91 -1.88 48.04
CA ASN A 249 -30.78 -3.28 48.42
CA ASN A 249 -30.75 -3.26 48.51
C ASN A 249 -31.92 -3.65 49.39
N ASP A 250 -32.35 -2.72 50.25
CA ASP A 250 -33.35 -3.02 51.26
C ASP A 250 -34.76 -3.08 50.65
N THR A 251 -34.97 -2.54 49.47
CA THR A 251 -36.28 -2.50 48.86
C THR A 251 -36.36 -3.35 47.59
N ASP A 252 -35.29 -4.04 47.22
CA ASP A 252 -35.27 -4.79 45.97
C ASP A 252 -35.98 -6.13 46.18
N GLN A 253 -37.11 -6.30 45.49
CA GLN A 253 -37.92 -7.51 45.69
C GLN A 253 -37.15 -8.77 45.25
N GLY A 254 -36.17 -8.61 44.34
CA GLY A 254 -35.37 -9.74 43.90
C GLY A 254 -34.38 -10.20 44.97
N ILE A 255 -33.87 -9.27 45.77
CA ILE A 255 -33.02 -9.63 46.89
C ILE A 255 -33.87 -10.26 47.98
N ILE A 256 -35.01 -9.64 48.27
CA ILE A 256 -35.86 -10.13 49.36
C ILE A 256 -36.36 -11.54 49.05
N ASN A 257 -36.69 -11.81 47.79
CA ASN A 257 -37.34 -13.05 47.38
C ASN A 257 -36.42 -14.01 46.59
N ASN A 258 -35.10 -13.79 46.62
CA ASN A 258 -34.10 -14.73 46.09
C ASN A 258 -34.35 -15.04 44.62
N TRP A 259 -34.58 -13.99 43.83
CA TRP A 259 -34.75 -14.13 42.40
C TRP A 259 -33.48 -14.62 41.72
N LYS A 260 -32.31 -14.54 42.38
CA LYS A 260 -31.10 -15.05 41.71
C LYS A 260 -31.16 -16.56 41.55
N SER A 261 -32.00 -17.27 42.28
CA SER A 261 -32.08 -18.72 42.25
C SER A 261 -32.41 -19.25 40.86
N ALA A 262 -31.71 -20.29 40.39
CA ALA A 262 -31.96 -20.88 39.08
C ALA A 262 -33.36 -21.45 38.94
N ASP A 263 -33.91 -21.90 40.05
CA ASP A 263 -35.21 -22.55 40.13
CA ASP A 263 -35.21 -22.53 40.01
C ASP A 263 -36.35 -21.55 40.31
N PHE A 264 -36.07 -20.24 40.43
CA PHE A 264 -37.15 -19.27 40.53
C PHE A 264 -38.00 -19.28 39.27
N ASP A 265 -39.34 -19.41 39.43
CA ASP A 265 -40.25 -19.47 38.29
C ASP A 265 -40.57 -18.09 37.79
N PHE A 266 -39.99 -17.70 36.63
CA PHE A 266 -40.19 -16.41 36.04
C PHE A 266 -41.10 -16.47 34.83
N SER A 267 -41.84 -17.57 34.64
CA SER A 267 -42.59 -17.80 33.43
C SER A 267 -43.74 -16.81 33.33
N GLY A 268 -44.16 -16.23 34.47
CA GLY A 268 -45.19 -15.23 34.51
C GLY A 268 -44.75 -13.79 34.28
N TRP A 269 -43.42 -13.55 34.23
CA TRP A 269 -42.91 -12.22 34.02
C TRP A 269 -43.20 -11.76 32.59
N LYS A 270 -43.22 -10.45 32.38
CA LYS A 270 -43.34 -9.85 31.05
C LYS A 270 -42.02 -9.99 30.30
N ILE A 271 -42.05 -9.69 28.99
CA ILE A 271 -40.90 -9.93 28.14
C ILE A 271 -40.44 -8.61 27.51
N MET A 272 -39.12 -8.43 27.38
CA MET A 272 -38.58 -7.38 26.51
C MET A 272 -37.40 -7.92 25.71
N ASN A 273 -37.15 -7.32 24.56
CA ASN A 273 -35.99 -7.69 23.77
C ASN A 273 -34.72 -7.03 24.32
N ILE A 274 -33.65 -7.82 24.26
CA ILE A 274 -32.29 -7.34 24.47
C ILE A 274 -31.58 -7.43 23.12
N PRO A 275 -30.88 -6.38 22.67
CA PRO A 275 -30.76 -5.13 23.42
C PRO A 275 -31.95 -4.21 23.42
N GLY A 276 -31.91 -3.25 24.33
CA GLY A 276 -32.99 -2.32 24.54
C GLY A 276 -33.02 -1.79 25.97
N TYR A 277 -33.91 -0.82 26.18
CA TYR A 277 -34.02 -0.10 27.43
C TYR A 277 -35.41 -0.33 28.00
N TRP A 278 -35.51 -0.45 29.33
CA TRP A 278 -36.80 -0.74 29.91
C TRP A 278 -37.73 0.48 29.91
N ALA A 279 -37.23 1.66 29.57
CA ALA A 279 -38.10 2.83 29.41
C ALA A 279 -39.20 2.56 28.37
N ALA A 280 -38.95 1.63 27.43
CA ALA A 280 -39.90 1.29 26.40
C ALA A 280 -40.92 0.24 26.87
N THR A 281 -40.73 -0.32 28.07
CA THR A 281 -41.71 -1.22 28.65
C THR A 281 -42.67 -0.43 29.54
N GLU A 282 -43.60 -1.17 30.15
CA GLU A 282 -44.53 -0.55 31.08
C GLU A 282 -43.82 -0.07 32.35
N ILE A 283 -42.55 -0.46 32.59
CA ILE A 283 -41.82 0.13 33.72
C ILE A 283 -41.65 1.63 33.47
N GLY A 284 -41.34 2.05 32.24
CA GLY A 284 -41.23 3.46 31.91
C GLY A 284 -39.89 4.03 32.39
N ASP A 285 -39.78 5.34 32.64
CA ASP A 285 -38.42 5.86 32.83
C ASP A 285 -38.05 5.88 34.31
N LYS A 286 -38.05 4.72 34.93
CA LYS A 286 -37.69 4.57 36.33
CA LYS A 286 -37.69 4.57 36.33
C LYS A 286 -36.22 4.18 36.44
N ASN A 287 -35.60 4.65 37.52
CA ASN A 287 -34.28 4.21 37.94
C ASN A 287 -34.46 3.20 39.09
N GLY A 288 -33.37 2.54 39.46
CA GLY A 288 -33.33 1.56 40.52
C GLY A 288 -32.82 0.25 39.90
N SER A 289 -33.49 -0.86 40.17
CA SER A 289 -33.00 -2.15 39.67
C SER A 289 -34.11 -2.89 38.95
N VAL A 290 -33.71 -3.63 37.92
CA VAL A 290 -34.60 -4.46 37.11
C VAL A 290 -33.84 -5.76 36.87
N TRP A 291 -34.57 -6.87 36.99
CA TRP A 291 -34.03 -8.20 36.82
C TRP A 291 -34.44 -8.78 35.47
N PHE A 292 -33.55 -9.60 34.87
CA PHE A 292 -33.74 -10.22 33.57
C PHE A 292 -33.37 -11.69 33.66
N LYS A 293 -34.20 -12.55 33.03
CA LYS A 293 -34.00 -13.98 33.08
C LYS A 293 -34.22 -14.55 31.69
N LYS A 294 -33.44 -15.57 31.33
CA LYS A 294 -33.64 -16.30 30.09
C LYS A 294 -33.15 -17.73 30.27
N GLN A 295 -33.92 -18.66 29.72
CA GLN A 295 -33.49 -20.04 29.60
C GLN A 295 -32.75 -20.21 28.29
N VAL A 296 -31.63 -20.93 28.36
CA VAL A 296 -30.80 -21.16 27.20
C VAL A 296 -30.56 -22.65 27.03
N GLU A 297 -30.59 -23.10 25.77
CA GLU A 297 -30.36 -24.48 25.40
C GLU A 297 -28.87 -24.67 25.12
N ILE A 298 -28.25 -25.54 25.90
CA ILE A 298 -26.83 -25.78 25.84
C ILE A 298 -26.63 -27.20 25.29
N PRO A 299 -25.98 -27.36 24.14
CA PRO A 299 -25.65 -28.70 23.64
C PRO A 299 -24.68 -29.47 24.56
N LYS A 300 -24.76 -30.80 24.50
CA LYS A 300 -23.88 -31.66 25.27
C LYS A 300 -22.40 -31.33 25.03
N LYS A 301 -22.02 -30.97 23.81
CA LYS A 301 -20.61 -30.68 23.49
C LYS A 301 -20.08 -29.38 24.12
N TRP A 302 -20.95 -28.51 24.64
CA TRP A 302 -20.53 -27.33 25.37
C TRP A 302 -20.28 -27.57 26.86
N LEU A 303 -20.61 -28.76 27.37
CA LEU A 303 -20.50 -29.03 28.78
C LEU A 303 -19.05 -29.30 29.20
N ASN A 304 -18.76 -28.99 30.46
CA ASN A 304 -17.46 -29.23 31.06
C ASN A 304 -16.31 -28.54 30.32
N ARG A 305 -16.61 -27.37 29.74
CA ARG A 305 -15.63 -26.52 29.08
C ARG A 305 -15.84 -25.08 29.53
N PRO A 306 -14.78 -24.25 29.51
CA PRO A 306 -14.92 -22.82 29.79
C PRO A 306 -15.62 -22.11 28.63
N ILE A 307 -16.64 -21.34 28.96
CA ILE A 307 -17.47 -20.63 27.99
C ILE A 307 -17.31 -19.13 28.24
N LYS A 308 -17.33 -18.33 27.16
CA LYS A 308 -17.32 -16.88 27.32
C LYS A 308 -18.74 -16.36 27.22
N LEU A 309 -19.12 -15.43 28.11
CA LEU A 309 -20.38 -14.72 28.03
C LEU A 309 -20.12 -13.25 27.74
N LEU A 310 -20.55 -12.81 26.56
CA LEU A 310 -20.56 -11.41 26.20
C LEU A 310 -21.95 -10.84 26.46
N MET A 311 -22.02 -9.83 27.32
CA MET A 311 -23.30 -9.18 27.58
CA MET A 311 -23.28 -9.16 27.62
C MET A 311 -23.16 -7.68 27.31
N GLY A 312 -22.62 -7.37 26.11
CA GLY A 312 -22.68 -6.03 25.55
C GLY A 312 -22.16 -4.95 26.47
N ARG A 313 -22.97 -3.92 26.65
CA ARG A 313 -22.68 -2.87 27.60
C ARG A 313 -23.99 -2.54 28.28
N ILE A 314 -23.94 -2.26 29.58
CA ILE A 314 -25.13 -2.15 30.38
C ILE A 314 -25.11 -0.83 31.15
N VAL A 315 -26.26 -0.14 31.18
CA VAL A 315 -26.37 1.10 31.90
C VAL A 315 -27.20 0.81 33.16
N ASP A 316 -26.63 0.85 34.37
CA ASP A 316 -25.27 1.28 34.69
C ASP A 316 -24.41 0.14 35.20
N ALA A 317 -24.99 -0.78 35.97
CA ALA A 317 -24.22 -1.77 36.69
C ALA A 317 -24.98 -3.09 36.62
N ASP A 318 -24.27 -4.19 36.76
CA ASP A 318 -24.91 -5.51 36.63
C ASP A 318 -24.18 -6.54 37.46
N SER A 319 -24.95 -7.53 37.95
CA SER A 319 -24.46 -8.83 38.42
C SER A 319 -25.12 -9.91 37.59
N ILE A 320 -24.35 -10.88 37.15
CA ILE A 320 -24.86 -11.97 36.36
C ILE A 320 -24.64 -13.29 37.07
N PHE A 321 -25.69 -14.11 37.02
CA PHE A 321 -25.66 -15.46 37.56
C PHE A 321 -26.00 -16.43 36.43
N VAL A 322 -25.33 -17.56 36.41
CA VAL A 322 -25.64 -18.65 35.50
C VAL A 322 -26.01 -19.85 36.37
N ASN A 323 -27.24 -20.36 36.21
CA ASN A 323 -27.78 -21.32 37.14
C ASN A 323 -27.68 -20.75 38.55
N ASP A 324 -27.06 -21.49 39.48
CA ASP A 324 -26.92 -21.01 40.85
C ASP A 324 -25.55 -20.42 41.17
N THR A 325 -24.81 -19.98 40.14
CA THR A 325 -23.44 -19.49 40.33
C THR A 325 -23.31 -18.03 39.89
N PHE A 326 -22.84 -17.19 40.80
CA PHE A 326 -22.45 -15.83 40.43
C PHE A 326 -21.21 -15.88 39.54
N ILE A 327 -21.24 -15.21 38.39
CA ILE A 327 -20.09 -15.29 37.50
C ILE A 327 -19.41 -13.94 37.34
N GLY A 328 -20.08 -12.81 37.60
CA GLY A 328 -19.38 -11.55 37.46
C GLY A 328 -20.27 -10.34 37.61
N ASN A 329 -19.63 -9.18 37.75
CA ASN A 329 -20.33 -7.93 37.93
C ASN A 329 -19.45 -6.81 37.39
N THR A 330 -20.12 -5.74 36.99
CA THR A 330 -19.48 -4.52 36.49
C THR A 330 -20.19 -3.38 37.18
N THR A 331 -19.47 -2.36 37.64
CA THR A 331 -20.05 -1.36 38.51
C THR A 331 -20.46 -0.06 37.81
N TYR A 332 -20.16 0.12 36.52
CA TYR A 332 -20.51 1.35 35.82
C TYR A 332 -20.67 1.10 34.34
N GLN A 333 -21.17 2.11 33.62
CA GLN A 333 -21.76 1.87 32.31
C GLN A 333 -20.74 1.65 31.20
N TYR A 334 -19.48 2.04 31.39
CA TYR A 334 -18.57 2.13 30.26
C TYR A 334 -17.92 0.81 29.87
N PRO A 335 -17.47 -0.12 30.76
CA PRO A 335 -16.78 -1.32 30.28
C PRO A 335 -17.67 -2.29 29.56
N PRO A 336 -17.17 -2.99 28.54
CA PRO A 336 -17.90 -4.10 27.94
C PRO A 336 -17.97 -5.20 28.99
N ARG A 337 -19.04 -6.02 28.92
CA ARG A 337 -19.24 -7.14 29.78
C ARG A 337 -18.74 -8.40 29.08
N ARG A 338 -17.61 -8.92 29.59
CA ARG A 338 -16.94 -10.08 29.05
C ARG A 338 -16.61 -10.99 30.22
N TYR A 339 -17.50 -11.96 30.48
CA TYR A 339 -17.39 -12.76 31.67
C TYR A 339 -17.07 -14.20 31.23
N GLU A 340 -16.41 -14.91 32.15
N GLU A 340 -16.40 -14.93 32.10
CA GLU A 340 -16.05 -16.32 32.06
CA GLU A 340 -16.18 -16.32 31.82
C GLU A 340 -17.13 -17.16 32.74
C GLU A 340 -17.12 -17.15 32.69
N ILE A 341 -17.58 -18.21 32.05
CA ILE A 341 -18.37 -19.26 32.68
C ILE A 341 -17.50 -20.49 32.76
N PRO A 342 -16.83 -20.77 33.90
CA PRO A 342 -16.00 -21.97 33.99
C PRO A 342 -16.78 -23.25 33.74
N ALA A 343 -16.03 -24.24 33.38
CA ALA A 343 -16.57 -25.58 33.22
C ALA A 343 -17.25 -26.06 34.49
N GLY A 344 -18.39 -26.76 34.33
CA GLY A 344 -19.05 -27.36 35.47
C GLY A 344 -20.30 -26.61 35.92
N ILE A 345 -20.52 -25.39 35.41
CA ILE A 345 -21.66 -24.58 35.80
C ILE A 345 -22.83 -24.93 34.89
N LEU A 346 -22.60 -24.95 33.57
CA LEU A 346 -23.64 -25.38 32.63
C LEU A 346 -23.96 -26.86 32.80
N ARG A 347 -25.24 -27.19 32.64
CA ARG A 347 -25.83 -28.51 32.88
C ARG A 347 -26.49 -29.03 31.60
N ASP A 348 -26.70 -30.34 31.51
CA ASP A 348 -27.21 -30.84 30.22
C ASP A 348 -28.62 -30.28 29.97
N GLY A 349 -28.77 -29.51 28.85
CA GLY A 349 -30.02 -28.93 28.34
C GLY A 349 -30.30 -27.54 28.95
N LYS A 350 -30.89 -27.64 30.18
CA LYS A 350 -31.74 -26.69 30.91
C LYS A 350 -30.99 -25.72 31.82
N ASN A 351 -30.80 -24.49 31.36
CA ASN A 351 -29.85 -23.58 32.00
C ASN A 351 -30.48 -22.19 31.99
N THR A 352 -30.24 -21.41 33.03
N THR A 352 -30.28 -21.39 33.05
CA THR A 352 -30.84 -20.11 33.18
CA THR A 352 -30.86 -20.06 33.12
C THR A 352 -29.71 -19.08 33.34
C THR A 352 -29.79 -19.02 33.44
N ILE A 353 -29.90 -17.91 32.71
CA ILE A 353 -29.06 -16.76 32.96
C ILE A 353 -29.93 -15.72 33.65
N THR A 354 -29.41 -15.16 34.74
CA THR A 354 -30.07 -14.11 35.49
C THR A 354 -29.19 -12.86 35.50
N VAL A 355 -29.76 -11.71 35.18
CA VAL A 355 -29.02 -10.45 35.21
C VAL A 355 -29.78 -9.48 36.09
N ARG A 356 -29.11 -8.95 37.10
CA ARG A 356 -29.65 -7.86 37.90
C ARG A 356 -29.00 -6.57 37.44
N VAL A 357 -29.81 -5.66 36.90
CA VAL A 357 -29.30 -4.38 36.40
C VAL A 357 -29.64 -3.28 37.39
N LEU A 358 -28.62 -2.51 37.79
CA LEU A 358 -28.80 -1.35 38.65
C LEU A 358 -28.58 -0.11 37.78
N ASN A 359 -29.45 0.91 37.97
CA ASN A 359 -29.44 2.08 37.12
C ASN A 359 -29.62 3.30 38.02
N GLU A 360 -28.54 4.09 38.12
CA GLU A 360 -28.52 5.27 38.95
C GLU A 360 -29.26 6.45 38.32
N SER A 361 -29.13 6.62 37.01
CA SER A 361 -29.66 7.77 36.30
C SER A 361 -29.68 7.49 34.82
N GLY A 362 -30.51 8.26 34.08
CA GLY A 362 -30.66 8.04 32.65
C GLY A 362 -31.51 6.80 32.38
N LYS A 363 -31.31 6.23 31.20
CA LYS A 363 -32.12 5.14 30.71
C LYS A 363 -31.37 3.83 30.94
N GLY A 364 -31.84 3.01 31.89
CA GLY A 364 -31.22 1.73 32.17
C GLY A 364 -31.53 0.70 31.09
N GLY A 365 -30.59 -0.27 30.93
CA GLY A 365 -30.79 -1.33 29.99
C GLY A 365 -29.50 -1.70 29.26
N PHE A 366 -29.67 -2.22 28.05
CA PHE A 366 -28.65 -2.96 27.32
C PHE A 366 -28.42 -2.21 26.01
N VAL A 367 -27.18 -1.76 25.80
CA VAL A 367 -26.84 -0.96 24.63
C VAL A 367 -26.97 -1.76 23.35
N GLU A 368 -27.50 -1.06 22.33
CA GLU A 368 -27.69 -1.61 20.99
C GLU A 368 -26.36 -1.77 20.24
N GLU A 369 -26.34 -2.67 19.25
CA GLU A 369 -25.21 -2.87 18.35
CA GLU A 369 -25.21 -2.88 18.36
C GLU A 369 -23.98 -3.36 19.13
N LYS A 370 -24.20 -4.27 20.10
CA LYS A 370 -23.16 -4.84 20.93
C LYS A 370 -23.41 -6.34 20.92
N PRO A 371 -22.40 -7.18 21.26
CA PRO A 371 -22.59 -8.63 21.28
C PRO A 371 -23.30 -9.07 22.55
N TYR A 372 -24.32 -9.95 22.37
CA TYR A 372 -24.94 -10.64 23.49
C TYR A 372 -25.00 -12.11 23.09
N LYS A 373 -24.05 -12.90 23.63
CA LYS A 373 -23.87 -14.27 23.16
C LYS A 373 -22.99 -15.06 24.12
N LEU A 374 -23.10 -16.40 23.99
CA LEU A 374 -22.15 -17.33 24.55
C LEU A 374 -21.21 -17.76 23.44
N VAL A 375 -19.92 -17.91 23.78
CA VAL A 375 -18.92 -18.29 22.78
C VAL A 375 -18.03 -19.44 23.27
N MET A 376 -17.85 -20.45 22.41
CA MET A 376 -16.96 -21.58 22.63
C MET A 376 -16.25 -21.88 21.30
N ASP A 377 -14.92 -21.80 21.28
CA ASP A 377 -14.19 -21.96 20.02
C ASP A 377 -14.69 -20.89 19.09
N GLU A 378 -15.14 -21.29 17.89
CA GLU A 378 -15.66 -20.33 16.93
C GLU A 378 -17.18 -20.40 16.95
N GLN A 379 -17.75 -21.25 17.83
CA GLN A 379 -19.19 -21.42 17.89
C GLN A 379 -19.84 -20.41 18.85
N GLU A 380 -21.08 -20.07 18.52
CA GLU A 380 -21.80 -19.06 19.27
C GLU A 380 -23.23 -19.49 19.49
N ILE A 381 -23.78 -19.09 20.65
CA ILE A 381 -25.21 -19.09 20.91
C ILE A 381 -25.63 -17.64 21.14
N ASP A 382 -26.46 -17.12 20.24
CA ASP A 382 -26.94 -15.75 20.31
C ASP A 382 -27.93 -15.59 21.47
N LEU A 383 -27.73 -14.56 22.30
CA LEU A 383 -28.59 -14.28 23.45
C LEU A 383 -29.47 -13.08 23.16
N ARG A 384 -29.34 -12.44 21.98
CA ARG A 384 -30.28 -11.38 21.61
C ARG A 384 -31.69 -11.93 21.45
N GLY A 385 -32.68 -11.09 21.71
CA GLY A 385 -34.07 -11.51 21.61
C GLY A 385 -34.76 -11.45 22.97
N LYS A 386 -35.71 -12.37 23.19
CA LYS A 386 -36.65 -12.22 24.28
C LYS A 386 -36.04 -12.64 25.62
N TRP A 387 -36.10 -11.70 26.56
CA TRP A 387 -35.81 -11.94 27.96
C TRP A 387 -37.00 -11.58 28.83
N HIS A 388 -37.22 -12.39 29.85
CA HIS A 388 -38.21 -12.05 30.86
C HIS A 388 -37.62 -10.99 31.79
N TYR A 389 -38.46 -10.10 32.33
CA TYR A 389 -37.95 -9.04 33.18
C TYR A 389 -38.97 -8.72 34.27
N LYS A 390 -38.48 -8.15 35.37
CA LYS A 390 -39.34 -7.63 36.41
C LYS A 390 -38.59 -6.57 37.21
N LEU A 391 -39.29 -5.49 37.58
CA LEU A 391 -38.76 -4.47 38.46
C LEU A 391 -38.37 -5.04 39.81
N GLY A 392 -37.15 -4.70 40.21
CA GLY A 392 -36.66 -5.04 41.53
C GLY A 392 -37.08 -3.96 42.55
N SER A 393 -36.51 -2.78 42.37
CA SER A 393 -36.71 -1.62 43.24
C SER A 393 -36.75 -0.36 42.38
N GLU A 394 -37.82 0.45 42.51
CA GLU A 394 -37.86 1.77 41.94
C GLU A 394 -37.21 2.74 42.93
N MET A 395 -36.20 3.45 42.44
CA MET A 395 -35.46 4.42 43.23
C MET A 395 -35.52 5.74 42.49
N PRO A 396 -35.47 6.89 43.21
CA PRO A 396 -35.27 8.17 42.55
C PRO A 396 -33.86 8.20 41.99
N PHE A 397 -33.63 9.01 40.95
CA PHE A 397 -32.31 9.02 40.35
C PHE A 397 -31.31 9.51 41.40
N LEU A 398 -30.12 8.94 41.28
CA LEU A 398 -28.98 9.28 42.10
C LEU A 398 -28.12 10.30 41.37
N GLN A 399 -28.13 11.52 41.92
CA GLN A 399 -27.26 12.58 41.41
C GLN A 399 -25.80 12.15 41.55
N GLY A 400 -25.05 12.32 40.45
CA GLY A 400 -23.63 12.01 40.41
C GLY A 400 -22.82 12.87 41.37
N GLN A 401 -21.62 12.38 41.71
CA GLN A 401 -20.72 13.11 42.58
C GLN A 401 -20.16 14.36 41.89
N THR A 402 -19.69 15.30 42.71
CA THR A 402 -18.77 16.35 42.27
C THR A 402 -17.39 15.72 42.13
N PHE A 403 -16.83 15.78 40.94
CA PHE A 403 -15.54 15.15 40.70
C PHE A 403 -14.47 16.21 40.98
N ILE A 404 -13.89 16.15 42.17
CA ILE A 404 -12.93 17.17 42.58
C ILE A 404 -11.67 17.05 41.71
N ARG A 405 -11.39 15.83 41.22
CA ARG A 405 -10.22 15.63 40.37
C ARG A 405 -10.38 16.23 38.97
N TRP A 406 -11.58 16.71 38.59
CA TRP A 406 -11.79 17.41 37.32
C TRP A 406 -11.69 18.94 37.42
N LYS A 407 -11.46 19.47 38.61
CA LYS A 407 -11.43 20.90 38.83
C LYS A 407 -10.15 21.51 38.23
N PRO A 408 -10.15 22.81 37.88
CA PRO A 408 -8.97 23.39 37.21
C PRO A 408 -7.69 23.26 38.02
N GLU A 409 -6.58 23.10 37.28
CA GLU A 409 -5.22 23.14 37.81
C GLU A 409 -4.73 21.89 38.53
N GLY A 410 -5.61 21.08 39.16
CA GLY A 410 -5.13 20.12 40.12
C GLY A 410 -4.29 19.00 39.48
N LEU A 411 -4.61 18.68 38.22
CA LEU A 411 -3.88 17.61 37.53
C LEU A 411 -2.56 18.11 36.99
N TYR A 412 -2.51 19.35 36.49
CA TYR A 412 -1.21 19.95 36.17
C TYR A 412 -0.33 19.77 37.41
N ASN A 413 -0.82 20.23 38.56
CA ASN A 413 0.04 20.34 39.72
C ASN A 413 0.58 19.00 40.21
N ALA A 414 -0.22 17.92 40.16
CA ALA A 414 0.18 16.64 40.75
C ALA A 414 0.66 15.64 39.69
N MET A 415 0.34 15.85 38.42
CA MET A 415 0.59 14.83 37.39
C MET A 415 1.46 15.35 36.23
N ILE A 416 1.72 16.67 36.16
CA ILE A 416 2.59 17.20 35.10
C ILE A 416 3.80 17.91 35.70
N ALA A 417 3.56 18.81 36.67
CA ALA A 417 4.64 19.58 37.28
C ALA A 417 5.81 18.72 37.74
N PRO A 418 5.62 17.49 38.28
CA PRO A 418 6.76 16.68 38.70
C PRO A 418 7.76 16.35 37.61
N PHE A 419 7.39 16.53 36.35
CA PHE A 419 8.19 16.01 35.25
C PHE A 419 8.80 17.13 34.41
N THR A 420 8.64 18.41 34.80
CA THR A 420 9.05 19.51 33.95
C THR A 420 10.59 19.58 33.79
N SER A 421 11.37 18.92 34.67
CA SER A 421 12.82 18.79 34.52
C SER A 421 13.22 17.64 33.59
N MET A 422 12.29 16.77 33.24
CA MET A 422 12.63 15.61 32.40
C MET A 422 12.75 16.06 30.94
N ASN A 423 13.88 15.75 30.28
CA ASN A 423 13.95 16.01 28.86
C ASN A 423 13.01 15.04 28.11
N LEU A 424 12.22 15.57 27.16
CA LEU A 424 11.27 14.79 26.41
C LEU A 424 11.49 14.98 24.92
N LYS A 425 11.09 13.98 24.15
CA LYS A 425 10.98 14.13 22.72
C LYS A 425 9.71 14.88 22.34
N GLY A 426 8.60 14.63 23.05
CA GLY A 426 7.35 15.33 22.80
C GLY A 426 6.22 14.77 23.66
N VAL A 427 5.02 15.26 23.34
CA VAL A 427 3.79 14.85 23.98
C VAL A 427 2.86 14.25 22.95
N ILE A 428 2.11 13.21 23.37
CA ILE A 428 0.89 12.77 22.70
C ILE A 428 -0.27 12.99 23.66
N TRP A 429 -1.41 13.43 23.10
CA TRP A 429 -2.52 13.94 23.89
C TRP A 429 -3.83 13.53 23.25
N TYR A 430 -4.72 12.91 24.03
CA TYR A 430 -6.04 12.55 23.56
C TYR A 430 -7.07 12.98 24.59
N GLN A 431 -7.72 14.10 24.26
CA GLN A 431 -8.62 14.75 25.21
C GLN A 431 -9.57 15.66 24.44
N GLY A 432 -10.78 15.84 25.01
CA GLY A 432 -11.68 16.85 24.53
C GLY A 432 -13.14 16.47 24.68
N GLU A 433 -13.41 15.17 24.90
CA GLU A 433 -14.78 14.73 25.06
C GLU A 433 -15.45 15.54 26.18
N SER A 434 -14.72 15.82 27.26
CA SER A 434 -15.29 16.54 28.40
C SER A 434 -15.39 18.04 28.23
N ASN A 435 -14.93 18.59 27.11
CA ASN A 435 -15.10 19.98 26.74
C ASN A 435 -16.06 20.14 25.57
N ALA A 436 -16.62 19.04 25.06
CA ALA A 436 -17.35 19.10 23.81
C ALA A 436 -18.68 19.86 24.02
N ASP A 437 -19.08 20.01 25.28
CA ASP A 437 -20.29 20.78 25.61
C ASP A 437 -20.06 22.29 25.49
N THR A 438 -18.79 22.72 25.44
CA THR A 438 -18.42 24.15 25.41
C THR A 438 -17.29 24.37 24.41
N PRO A 439 -17.56 24.07 23.14
CA PRO A 439 -16.52 24.10 22.11
C PRO A 439 -15.99 25.48 21.71
N ALA A 440 -16.77 26.53 21.98
CA ALA A 440 -16.39 27.84 21.50
C ALA A 440 -15.13 28.36 22.16
N GLU A 441 -14.85 27.95 23.41
CA GLU A 441 -13.63 28.42 24.04
C GLU A 441 -12.46 27.43 23.82
N TYR A 442 -12.70 26.25 23.20
CA TYR A 442 -11.73 25.17 23.32
C TYR A 442 -10.44 25.45 22.54
N GLN A 443 -10.51 26.08 21.36
CA GLN A 443 -9.28 26.37 20.63
C GLN A 443 -8.37 27.22 21.50
N GLU A 444 -8.91 28.27 22.11
CA GLU A 444 -8.11 29.13 22.97
C GLU A 444 -7.64 28.39 24.22
N LEU A 445 -8.51 27.55 24.80
CA LEU A 445 -8.16 26.83 26.01
C LEU A 445 -7.04 25.81 25.75
N PHE A 446 -7.17 25.05 24.65
CA PHE A 446 -6.18 24.04 24.32
C PHE A 446 -4.86 24.67 23.83
N THR A 447 -4.94 25.77 23.07
CA THR A 447 -3.74 26.54 22.71
C THR A 447 -3.00 26.99 23.98
N THR A 448 -3.75 27.52 24.96
CA THR A 448 -3.21 27.97 26.24
C THR A 448 -2.49 26.80 26.94
N LEU A 449 -3.10 25.60 26.94
CA LEU A 449 -2.46 24.45 27.57
C LEU A 449 -1.09 24.18 26.92
N ILE A 450 -1.04 24.13 25.60
CA ILE A 450 0.18 23.78 24.90
C ILE A 450 1.26 24.82 25.24
N GLU A 451 0.88 26.09 25.23
CA GLU A 451 1.83 27.17 25.51
C GLU A 451 2.31 27.13 26.95
N ASP A 452 1.39 26.78 27.86
CA ASP A 452 1.63 26.66 29.28
C ASP A 452 2.68 25.57 29.50
N TRP A 453 2.45 24.34 28.99
CA TRP A 453 3.47 23.31 29.18
C TRP A 453 4.84 23.69 28.59
N ARG A 454 4.87 24.18 27.36
CA ARG A 454 6.10 24.63 26.71
C ARG A 454 6.84 25.65 27.55
N SER A 455 6.13 26.54 28.24
CA SER A 455 6.80 27.54 29.08
C SER A 455 7.41 26.88 30.32
N LYS A 456 6.89 25.73 30.77
CA LYS A 456 7.49 25.04 31.93
C LYS A 456 8.71 24.22 31.55
N TRP A 457 8.69 23.56 30.39
CA TRP A 457 9.83 22.76 29.96
C TRP A 457 10.97 23.60 29.37
N ASN A 458 10.59 24.74 28.77
CA ASN A 458 11.51 25.70 28.16
C ASN A 458 12.42 24.99 27.18
N ALA A 459 11.87 24.24 26.21
CA ALA A 459 12.75 23.37 25.41
C ALA A 459 12.99 23.96 24.03
N PRO A 460 14.19 23.76 23.42
CA PRO A 460 14.45 24.27 22.05
C PRO A 460 13.34 23.90 21.06
N GLU A 461 12.76 22.70 21.21
CA GLU A 461 11.52 22.32 20.53
C GLU A 461 10.75 21.35 21.44
N PHE A 462 9.42 21.42 21.37
CA PHE A 462 8.56 20.53 22.15
C PHE A 462 7.35 20.17 21.31
N PRO A 463 7.44 19.14 20.43
CA PRO A 463 6.32 18.71 19.60
C PRO A 463 5.13 18.28 20.47
N PHE A 464 3.94 18.72 20.09
CA PHE A 464 2.70 18.42 20.80
C PHE A 464 1.74 17.83 19.78
N LEU A 465 1.48 16.52 19.92
CA LEU A 465 0.71 15.78 18.95
C LEU A 465 -0.61 15.36 19.61
N PHE A 466 -1.75 15.55 18.94
CA PHE A 466 -3.00 15.29 19.61
C PHE A 466 -3.99 14.59 18.68
N VAL A 467 -5.03 14.03 19.30
CA VAL A 467 -6.03 13.24 18.62
C VAL A 467 -7.33 14.00 18.52
N GLN A 468 -7.80 14.15 17.30
CA GLN A 468 -9.13 14.72 17.08
C GLN A 468 -10.17 13.72 17.57
N LEU A 469 -11.26 14.21 18.17
CA LEU A 469 -12.30 13.28 18.65
C LEU A 469 -12.86 12.38 17.55
N ALA A 470 -13.20 11.15 17.92
CA ALA A 470 -13.73 10.15 17.02
C ALA A 470 -15.22 10.42 16.73
N ASN A 471 -15.77 9.73 15.73
CA ASN A 471 -17.20 9.72 15.44
C ASN A 471 -17.89 9.03 16.62
N PHE A 472 -19.07 9.56 17.00
CA PHE A 472 -19.83 9.08 18.13
C PHE A 472 -21.26 9.56 18.00
N MET A 473 -22.17 8.82 18.64
CA MET A 473 -23.61 9.12 18.63
C MET A 473 -24.23 8.83 17.26
N ALA A 474 -25.55 9.11 17.15
CA ALA A 474 -26.32 8.67 16.00
C ALA A 474 -25.95 9.45 14.73
N THR A 475 -26.01 8.75 13.60
CA THR A 475 -25.94 9.42 12.29
C THR A 475 -27.14 10.34 12.10
N LYS A 476 -27.01 11.26 11.14
CA LYS A 476 -28.03 12.24 10.82
C LYS A 476 -28.16 12.36 9.30
N GLU A 477 -29.41 12.31 8.82
CA GLU A 477 -29.72 12.21 7.40
C GLU A 477 -29.50 13.51 6.66
N GLU A 478 -29.70 14.64 7.35
CA GLU A 478 -29.68 15.94 6.73
C GLU A 478 -28.53 16.72 7.34
N PRO A 479 -28.06 17.80 6.66
CA PRO A 479 -27.05 18.69 7.22
C PRO A 479 -27.58 19.29 8.52
N GLY A 480 -26.67 19.44 9.47
CA GLY A 480 -26.99 19.96 10.78
C GLY A 480 -25.72 20.37 11.51
N ASP A 481 -25.90 21.10 12.61
CA ASP A 481 -24.79 21.54 13.43
C ASP A 481 -24.56 20.50 14.51
N SER A 482 -23.40 20.59 15.18
CA SER A 482 -22.95 19.55 16.09
C SER A 482 -21.92 20.16 17.03
N ASN A 483 -22.08 19.98 18.34
CA ASN A 483 -21.08 20.44 19.29
C ASN A 483 -19.82 19.58 19.19
N TRP A 484 -19.96 18.28 18.93
CA TRP A 484 -18.77 17.47 18.69
C TRP A 484 -18.00 17.94 17.46
N ALA A 485 -18.70 18.25 16.37
CA ALA A 485 -18.03 18.75 15.18
C ALA A 485 -17.32 20.06 15.50
N ARG A 486 -17.92 20.89 16.38
CA ARG A 486 -17.28 22.15 16.73
C ARG A 486 -16.02 21.92 17.56
N LEU A 487 -16.05 20.93 18.47
CA LEU A 487 -14.85 20.56 19.22
C LEU A 487 -13.74 20.07 18.28
N ARG A 488 -14.09 19.19 17.33
CA ARG A 488 -13.13 18.67 16.36
C ARG A 488 -12.52 19.83 15.56
N ASP A 489 -13.36 20.84 15.21
CA ASP A 489 -12.88 21.96 14.43
C ASP A 489 -11.94 22.87 15.22
N ALA A 490 -12.21 23.02 16.53
CA ALA A 490 -11.35 23.72 17.45
C ALA A 490 -9.99 23.04 17.55
N GLN A 491 -10.02 21.69 17.56
CA GLN A 491 -8.79 20.91 17.50
C GLN A 491 -8.04 21.17 16.20
N ARG A 492 -8.73 21.07 15.05
CA ARG A 492 -8.11 21.28 13.75
C ARG A 492 -7.47 22.67 13.69
N ARG A 493 -8.13 23.69 14.24
CA ARG A 493 -7.62 25.06 14.13
CA ARG A 493 -7.61 25.05 14.11
C ARG A 493 -6.40 25.26 15.02
N THR A 494 -6.27 24.46 16.09
CA THR A 494 -5.12 24.54 16.98
C THR A 494 -3.82 24.19 16.26
N LEU A 495 -3.89 23.56 15.08
CA LEU A 495 -2.72 23.21 14.30
C LEU A 495 -1.98 24.48 13.83
N ALA A 496 -2.58 25.66 14.03
CA ALA A 496 -1.82 26.89 13.81
C ALA A 496 -0.62 27.00 14.75
N VAL A 497 -0.71 26.38 15.93
CA VAL A 497 0.33 26.43 16.95
C VAL A 497 1.55 25.69 16.40
N PRO A 498 2.75 26.28 16.52
CA PRO A 498 3.93 25.62 15.99
C PRO A 498 4.19 24.21 16.58
N HIS A 499 4.83 23.38 15.76
CA HIS A 499 5.29 22.05 16.11
C HIS A 499 4.16 21.19 16.69
N THR A 500 3.00 21.22 16.00
CA THR A 500 1.84 20.40 16.33
C THR A 500 1.51 19.47 15.16
N GLY A 501 0.81 18.38 15.51
CA GLY A 501 0.27 17.47 14.51
C GLY A 501 -0.95 16.78 15.09
N MET A 502 -1.81 16.27 14.22
CA MET A 502 -3.11 15.74 14.66
C MET A 502 -3.36 14.39 14.04
N ALA A 503 -3.92 13.47 14.82
CA ALA A 503 -4.46 12.24 14.27
C ALA A 503 -5.97 12.40 14.12
N VAL A 504 -6.49 12.08 12.94
CA VAL A 504 -7.92 12.10 12.69
C VAL A 504 -8.46 10.71 13.01
N THR A 505 -9.68 10.64 13.58
CA THR A 505 -10.27 9.37 14.01
C THR A 505 -11.75 9.21 13.63
N ILE A 506 -12.23 10.06 12.74
CA ILE A 506 -13.65 10.14 12.36
C ILE A 506 -14.14 8.87 11.66
N ASP A 507 -13.22 8.03 11.19
CA ASP A 507 -13.50 6.80 10.49
C ASP A 507 -13.33 5.55 11.37
N ILE A 508 -12.87 5.67 12.63
CA ILE A 508 -12.49 4.51 13.41
C ILE A 508 -13.10 4.54 14.81
N GLY A 509 -14.08 5.43 15.01
CA GLY A 509 -14.85 5.45 16.26
C GLY A 509 -16.05 4.52 16.15
N GLU A 510 -16.92 4.62 17.15
CA GLU A 510 -18.12 3.78 17.26
C GLU A 510 -19.29 4.66 17.68
N GLY A 511 -20.44 4.55 16.97
CA GLY A 511 -21.59 5.37 17.32
C GLY A 511 -22.10 5.14 18.74
N ASN A 512 -22.06 3.89 19.20
CA ASN A 512 -22.62 3.45 20.48
CA ASN A 512 -22.64 3.56 20.51
C ASN A 512 -21.56 3.32 21.55
N ASP A 513 -20.36 3.91 21.40
CA ASP A 513 -19.36 3.75 22.45
C ASP A 513 -18.32 4.87 22.33
N ILE A 514 -18.18 5.59 23.46
CA ILE A 514 -17.27 6.72 23.52
C ILE A 514 -15.84 6.20 23.66
N HIS A 515 -15.63 4.90 23.89
CA HIS A 515 -14.31 4.30 24.08
C HIS A 515 -14.12 3.26 22.99
N PRO A 516 -13.93 3.66 21.72
CA PRO A 516 -13.81 2.71 20.61
C PRO A 516 -12.56 1.85 20.73
N LEU A 517 -12.61 0.65 20.15
CA LEU A 517 -11.54 -0.32 20.39
C LEU A 517 -10.34 -0.11 19.46
N ASN A 518 -10.53 0.49 18.27
CA ASN A 518 -9.41 0.55 17.32
C ASN A 518 -8.42 1.64 17.74
N LYS A 519 -7.51 1.30 18.62
CA LYS A 519 -6.49 2.25 19.06
C LYS A 519 -5.19 2.09 18.27
N LYS A 520 -5.01 0.98 17.55
CA LYS A 520 -3.80 0.83 16.77
C LYS A 520 -3.72 1.88 15.67
N ASP A 521 -4.85 2.16 14.98
CA ASP A 521 -4.86 3.19 13.96
C ASP A 521 -4.60 4.55 14.58
N VAL A 522 -5.10 4.79 15.81
CA VAL A 522 -4.81 6.06 16.50
C VAL A 522 -3.30 6.18 16.72
N GLY A 523 -2.69 5.12 17.27
CA GLY A 523 -1.26 5.14 17.55
C GLY A 523 -0.47 5.34 16.25
N ASP A 524 -0.88 4.67 15.18
CA ASP A 524 -0.15 4.76 13.91
C ASP A 524 -0.25 6.16 13.30
N ARG A 525 -1.41 6.81 13.47
CA ARG A 525 -1.61 8.15 12.95
C ARG A 525 -0.81 9.17 13.76
N LEU A 526 -0.75 9.02 15.09
CA LEU A 526 0.13 9.86 15.89
C LEU A 526 1.59 9.61 15.48
N ALA A 527 1.96 8.35 15.24
CA ALA A 527 3.35 8.02 14.89
C ALA A 527 3.72 8.70 13.56
N GLN A 528 2.80 8.74 12.60
CA GLN A 528 3.05 9.46 11.34
C GLN A 528 3.34 10.94 11.61
N ALA A 529 2.53 11.57 12.47
CA ALA A 529 2.75 12.96 12.82
C ALA A 529 4.11 13.13 13.45
N ALA A 530 4.45 12.20 14.37
CA ALA A 530 5.74 12.29 15.03
C ALA A 530 6.87 12.21 14.02
N LYS A 531 6.81 11.27 13.08
CA LYS A 531 7.86 11.10 12.07
C LYS A 531 8.13 12.42 11.34
N HIS A 532 7.07 13.13 11.00
CA HIS A 532 7.15 14.40 10.29
C HIS A 532 7.54 15.55 11.22
N VAL A 533 6.80 15.75 12.31
CA VAL A 533 6.98 16.90 13.18
C VAL A 533 8.19 16.79 14.11
N ALA A 534 8.36 15.65 14.78
CA ALA A 534 9.40 15.51 15.79
C ALA A 534 10.71 15.05 15.19
N HIS A 535 10.63 14.28 14.08
CA HIS A 535 11.81 13.63 13.53
C HIS A 535 12.23 14.24 12.20
N GLY A 536 11.43 15.17 11.66
CA GLY A 536 11.76 15.91 10.43
C GLY A 536 11.93 15.00 9.21
N LYS A 537 11.21 13.86 9.17
CA LYS A 537 11.26 12.97 8.04
C LYS A 537 10.44 13.51 6.87
N ASN A 538 10.90 13.17 5.65
CA ASN A 538 10.22 13.59 4.43
C ASN A 538 9.10 12.62 4.06
N VAL A 539 8.02 12.71 4.83
CA VAL A 539 6.87 11.82 4.71
C VAL A 539 5.66 12.73 4.86
N VAL A 540 4.49 12.28 4.37
CA VAL A 540 3.27 13.05 4.56
C VAL A 540 3.03 13.21 6.07
N ALA A 541 2.57 14.40 6.47
CA ALA A 541 2.48 14.78 7.87
C ALA A 541 1.34 14.06 8.59
N GLY A 542 0.44 13.46 7.81
CA GLY A 542 -0.78 12.86 8.36
C GLY A 542 -1.95 13.09 7.41
N SER A 543 -3.08 13.56 7.98
CA SER A 543 -4.33 13.66 7.27
C SER A 543 -4.42 14.93 6.44
N PRO A 544 -5.12 14.88 5.30
CA PRO A 544 -5.44 16.12 4.58
C PRO A 544 -6.16 17.12 5.47
N LEU A 545 -5.70 18.38 5.40
CA LEU A 545 -6.20 19.47 6.18
C LEU A 545 -6.65 20.61 5.27
N TYR A 546 -7.86 21.08 5.50
CA TYR A 546 -8.38 22.28 4.84
C TYR A 546 -7.35 23.39 4.93
N ASP A 547 -6.99 23.99 3.77
CA ASP A 547 -6.04 25.09 3.70
C ASP A 547 -6.74 26.39 3.29
N SER A 548 -7.47 26.38 2.17
CA SER A 548 -8.11 27.59 1.68
C SER A 548 -9.28 27.24 0.76
N MET A 549 -10.11 28.26 0.48
CA MET A 549 -11.20 28.13 -0.47
C MET A 549 -11.14 29.30 -1.47
N GLU A 550 -11.70 29.02 -2.65
CA GLU A 550 -11.94 30.04 -3.68
C GLU A 550 -13.36 29.84 -4.20
N ILE A 551 -14.10 30.95 -4.32
CA ILE A 551 -15.40 30.94 -4.99
C ILE A 551 -15.20 31.21 -6.48
N GLU A 552 -15.71 30.31 -7.34
CA GLU A 552 -15.73 30.50 -8.79
C GLU A 552 -17.11 30.09 -9.34
N GLY A 553 -18.01 31.06 -9.49
CA GLY A 553 -19.36 30.80 -9.97
C GLY A 553 -20.18 30.00 -8.97
N ASP A 554 -20.68 28.84 -9.43
CA ASP A 554 -21.53 27.97 -8.63
C ASP A 554 -20.67 26.91 -7.90
N THR A 555 -19.35 27.14 -7.88
CA THR A 555 -18.43 26.13 -7.39
C THR A 555 -17.55 26.74 -6.30
N ILE A 556 -17.33 26.00 -5.18
CA ILE A 556 -16.25 26.37 -4.28
C ILE A 556 -15.14 25.33 -4.41
N ILE A 557 -13.93 25.84 -4.61
CA ILE A 557 -12.75 25.00 -4.78
CA ILE A 557 -12.73 25.03 -4.78
C ILE A 557 -12.02 24.96 -3.43
N ILE A 558 -11.89 23.74 -2.86
CA ILE A 558 -11.18 23.59 -1.59
C ILE A 558 -9.77 23.05 -1.86
N ARG A 559 -8.77 23.75 -1.29
CA ARG A 559 -7.38 23.35 -1.31
C ARG A 559 -7.00 22.78 0.06
N PHE A 560 -6.19 21.72 0.02
CA PHE A 560 -5.79 20.95 1.19
C PHE A 560 -4.27 20.93 1.30
N LYS A 561 -3.78 20.91 2.56
CA LYS A 561 -2.42 20.49 2.88
C LYS A 561 -2.40 18.99 3.18
N ASN A 562 -1.21 18.36 3.15
CA ASN A 562 -1.04 16.95 3.48
C ASN A 562 -1.79 16.01 2.53
N THR A 563 -1.76 16.31 1.21
CA THR A 563 -2.40 15.44 0.23
C THR A 563 -1.49 14.28 -0.19
N GLY A 564 -0.21 14.31 0.22
CA GLY A 564 0.70 13.23 -0.09
C GLY A 564 0.72 12.91 -1.58
N SER A 565 0.50 11.65 -1.94
CA SER A 565 0.53 11.26 -3.33
C SER A 565 -0.82 11.43 -4.01
N GLY A 566 -1.79 12.08 -3.33
CA GLY A 566 -3.06 12.44 -3.96
C GLY A 566 -4.27 12.14 -3.07
N LEU A 567 -5.35 12.88 -3.32
CA LEU A 567 -6.63 12.58 -2.68
C LEU A 567 -7.38 11.46 -3.39
N MET A 568 -8.23 10.75 -2.62
CA MET A 568 -9.12 9.75 -3.16
C MET A 568 -10.34 9.69 -2.24
N ALA A 569 -11.41 9.10 -2.79
CA ALA A 569 -12.63 8.82 -2.06
C ALA A 569 -12.81 7.32 -2.01
N LYS A 570 -13.01 6.80 -0.80
CA LYS A 570 -13.13 5.37 -0.60
C LYS A 570 -14.57 4.92 -0.84
N ASN A 571 -14.76 3.86 -1.63
CA ASN A 571 -16.03 3.14 -1.73
C ASN A 571 -17.14 4.06 -2.21
N GLY A 572 -16.87 4.86 -3.24
CA GLY A 572 -17.91 5.73 -3.79
C GLY A 572 -17.39 7.12 -4.06
N LYS A 573 -18.28 7.98 -4.58
CA LYS A 573 -17.96 9.36 -4.88
C LYS A 573 -17.72 10.09 -3.58
N PRO A 574 -17.06 11.27 -3.60
CA PRO A 574 -16.85 12.09 -2.39
C PRO A 574 -18.14 12.34 -1.63
N GLY A 575 -18.16 11.94 -0.35
CA GLY A 575 -19.36 12.07 0.46
C GLY A 575 -19.21 13.06 1.62
N TYR A 576 -20.36 13.48 2.15
CA TYR A 576 -20.50 14.25 3.39
C TYR A 576 -20.04 15.69 3.19
N PHE A 577 -20.02 16.16 1.93
CA PHE A 577 -19.89 17.58 1.67
C PHE A 577 -21.26 18.26 1.60
N ALA A 578 -21.35 19.44 2.21
CA ALA A 578 -22.53 20.28 2.14
C ALA A 578 -22.08 21.68 1.72
N ILE A 579 -22.98 22.47 1.12
CA ILE A 579 -22.60 23.80 0.69
C ILE A 579 -23.78 24.71 1.02
N ALA A 580 -23.49 26.00 1.25
CA ALA A 580 -24.54 26.95 1.59
C ALA A 580 -24.28 28.30 0.91
N GLY A 581 -25.36 29.03 0.60
CA GLY A 581 -25.26 30.44 0.26
C GLY A 581 -25.42 31.30 1.52
N GLU A 582 -25.67 32.60 1.32
CA GLU A 582 -25.67 33.59 2.39
C GLU A 582 -26.80 33.38 3.40
N ASP A 583 -27.88 32.69 3.03
CA ASP A 583 -28.93 32.36 3.99
C ASP A 583 -28.48 31.27 4.97
N GLN A 584 -27.28 30.70 4.80
CA GLN A 584 -26.71 29.74 5.75
C GLN A 584 -27.46 28.43 5.83
N LYS A 585 -28.18 28.04 4.77
CA LYS A 585 -28.89 26.77 4.76
C LYS A 585 -28.09 25.76 3.97
N PHE A 586 -27.46 24.81 4.66
CA PHE A 586 -26.58 23.86 4.00
C PHE A 586 -27.44 22.79 3.35
N ILE A 587 -27.00 22.36 2.16
CA ILE A 587 -27.54 21.20 1.49
C ILE A 587 -26.41 20.28 1.01
N TRP A 588 -26.68 18.98 0.95
CA TRP A 588 -25.72 18.02 0.45
C TRP A 588 -25.25 18.44 -0.94
N ALA A 589 -23.92 18.49 -1.13
CA ALA A 589 -23.34 19.00 -2.36
C ALA A 589 -22.64 17.86 -3.10
N ASP A 590 -22.46 18.07 -4.40
CA ASP A 590 -21.61 17.21 -5.21
C ASP A 590 -20.19 17.69 -5.02
N ALA A 591 -19.25 16.75 -4.97
CA ALA A 591 -17.84 17.10 -4.84
C ALA A 591 -17.00 16.21 -5.74
N VAL A 592 -16.06 16.85 -6.46
CA VAL A 592 -15.19 16.19 -7.40
C VAL A 592 -13.74 16.46 -7.02
N ILE A 593 -12.92 15.40 -7.01
CA ILE A 593 -11.51 15.58 -6.73
C ILE A 593 -10.79 15.97 -8.03
N LYS A 594 -10.03 17.07 -7.96
CA LYS A 594 -9.03 17.43 -8.96
C LYS A 594 -7.69 17.69 -8.26
N ASP A 595 -6.90 16.61 -8.10
CA ASP A 595 -5.53 16.66 -7.67
C ASP A 595 -5.44 16.69 -6.15
N ASP A 596 -5.23 17.91 -5.65
CA ASP A 596 -5.12 18.24 -4.23
C ASP A 596 -6.23 19.22 -3.89
N LYS A 597 -7.24 19.27 -4.78
CA LYS A 597 -8.34 20.18 -4.62
C LYS A 597 -9.63 19.40 -4.73
N ILE A 598 -10.66 19.90 -4.07
CA ILE A 598 -11.98 19.33 -4.25
C ILE A 598 -12.93 20.44 -4.67
N LEU A 599 -13.67 20.19 -5.76
CA LEU A 599 -14.64 21.16 -6.28
C LEU A 599 -16.03 20.79 -5.79
N VAL A 600 -16.64 21.71 -5.02
CA VAL A 600 -17.91 21.46 -4.36
C VAL A 600 -18.99 22.36 -4.98
N SER A 601 -20.15 21.80 -5.27
CA SER A 601 -21.21 22.59 -5.90
C SER A 601 -22.55 21.89 -5.77
N SER A 602 -23.61 22.70 -5.84
CA SER A 602 -24.97 22.20 -5.85
C SER A 602 -25.74 22.90 -6.97
N PRO A 603 -26.52 22.18 -7.80
CA PRO A 603 -27.40 22.85 -8.76
C PRO A 603 -28.38 23.81 -8.08
N ALA A 604 -28.75 23.51 -6.83
CA ALA A 604 -29.75 24.29 -6.11
C ALA A 604 -29.20 25.60 -5.53
N ILE A 605 -27.88 25.84 -5.60
CA ILE A 605 -27.32 27.06 -5.04
C ILE A 605 -26.43 27.72 -6.08
N LYS A 606 -26.77 28.95 -6.47
CA LYS A 606 -26.07 29.64 -7.55
C LYS A 606 -24.89 30.43 -6.99
N ASN A 607 -25.04 30.96 -5.76
CA ASN A 607 -23.96 31.77 -5.18
C ASN A 607 -23.52 31.17 -3.83
N PRO A 608 -22.72 30.09 -3.87
CA PRO A 608 -22.28 29.42 -2.65
C PRO A 608 -21.27 30.30 -1.92
N VAL A 609 -21.31 30.36 -0.57
CA VAL A 609 -20.30 31.08 0.19
C VAL A 609 -19.57 30.19 1.21
N ALA A 610 -20.00 28.94 1.44
CA ALA A 610 -19.43 28.12 2.51
C ALA A 610 -19.58 26.64 2.22
N VAL A 611 -18.57 25.85 2.64
CA VAL A 611 -18.58 24.40 2.54
C VAL A 611 -18.34 23.80 3.93
N ARG A 612 -19.00 22.67 4.19
CA ARG A 612 -18.77 21.83 5.35
C ARG A 612 -18.54 20.40 4.88
N TYR A 613 -17.59 19.73 5.55
CA TYR A 613 -17.24 18.35 5.23
C TYR A 613 -17.19 17.60 6.56
N GLY A 614 -17.98 16.54 6.62
CA GLY A 614 -18.04 15.65 7.78
C GLY A 614 -18.53 16.35 9.03
N TRP A 615 -19.46 17.29 8.88
CA TRP A 615 -19.84 18.15 9.98
C TRP A 615 -21.02 17.55 10.74
N ALA A 616 -20.74 16.56 11.60
CA ALA A 616 -21.77 15.84 12.34
C ALA A 616 -21.15 15.14 13.54
N ASP A 617 -21.99 14.71 14.48
CA ASP A 617 -21.53 13.85 15.55
C ASP A 617 -20.86 12.62 14.97
N ASN A 618 -21.50 12.01 13.96
CA ASN A 618 -21.11 10.72 13.42
C ASN A 618 -21.27 10.75 11.91
N PRO A 619 -20.30 11.33 11.16
CA PRO A 619 -20.45 11.58 9.73
C PRO A 619 -20.14 10.38 8.87
N GLU A 620 -20.90 9.31 9.08
CA GLU A 620 -20.71 8.11 8.29
C GLU A 620 -20.95 8.46 6.83
N GLY A 621 -19.98 8.11 5.97
CA GLY A 621 -20.02 8.53 4.59
C GLY A 621 -18.92 9.52 4.19
N ALA A 622 -18.28 10.20 5.19
CA ALA A 622 -17.18 11.12 4.93
C ALA A 622 -15.98 10.27 4.56
N ASN A 623 -15.57 10.30 3.29
CA ASN A 623 -14.79 9.19 2.79
C ASN A 623 -13.52 9.66 2.07
N ILE A 624 -13.09 10.89 2.35
CA ILE A 624 -11.88 11.44 1.72
C ILE A 624 -10.63 11.01 2.48
N TYR A 625 -9.63 10.54 1.73
CA TYR A 625 -8.36 10.08 2.27
C TYR A 625 -7.25 10.66 1.38
N ASN A 626 -6.01 10.71 1.87
CA ASN A 626 -4.92 10.68 0.90
C ASN A 626 -4.59 9.23 0.59
N LYS A 627 -3.80 9.04 -0.50
CA LYS A 627 -3.50 7.70 -0.95
C LYS A 627 -2.59 6.95 0.00
N GLU A 628 -1.94 7.67 0.93
CA GLU A 628 -1.19 7.08 2.03
C GLU A 628 -2.08 6.52 3.15
N GLY A 629 -3.41 6.73 3.05
CA GLY A 629 -4.36 6.05 3.91
C GLY A 629 -4.90 6.89 5.06
N PHE A 630 -4.60 8.19 5.08
CA PHE A 630 -4.97 9.06 6.19
C PHE A 630 -6.26 9.82 5.87
N PRO A 631 -7.29 9.76 6.73
CA PRO A 631 -8.57 10.39 6.40
C PRO A 631 -8.49 11.91 6.56
N ALA A 632 -9.11 12.62 5.62
CA ALA A 632 -9.21 14.06 5.74
C ALA A 632 -9.92 14.43 7.03
N SER A 633 -9.39 15.48 7.65
CA SER A 633 -10.08 16.09 8.77
C SER A 633 -11.42 16.65 8.30
N PRO A 634 -12.48 16.48 9.10
CA PRO A 634 -13.65 17.32 8.88
C PRO A 634 -13.29 18.79 9.02
N PHE A 635 -14.10 19.65 8.40
CA PHE A 635 -13.83 21.06 8.49
C PHE A 635 -15.07 21.87 8.10
N ARG A 636 -15.00 23.16 8.37
CA ARG A 636 -15.95 24.13 7.82
C ARG A 636 -15.15 25.34 7.33
N THR A 637 -15.68 26.04 6.32
CA THR A 637 -15.02 27.24 5.85
C THR A 637 -15.56 28.46 6.59
N ASP A 638 -16.72 28.35 7.24
CA ASP A 638 -17.42 29.48 7.82
C ASP A 638 -17.08 29.64 9.29
N ASN A 639 -17.50 30.79 9.85
CA ASN A 639 -17.42 31.08 11.29
C ASN A 639 -18.80 31.40 11.88
N TRP A 640 -19.88 30.77 11.38
CA TRP A 640 -21.25 31.01 11.84
C TRP A 640 -21.58 30.24 13.14
N SER B 19 7.12 -20.06 4.24
CA SER B 19 7.69 -20.87 5.35
C SER B 19 7.09 -20.50 6.71
N SER B 20 7.53 -21.28 7.73
CA SER B 20 7.15 -21.07 9.11
C SER B 20 8.06 -21.81 10.11
N ALA B 21 9.16 -22.44 9.69
CA ALA B 21 10.02 -23.20 10.60
C ALA B 21 11.30 -22.42 10.95
N GLN B 22 11.80 -21.58 10.02
CA GLN B 22 13.00 -20.81 10.27
C GLN B 22 13.00 -19.63 9.31
N ILE B 23 14.00 -18.77 9.40
CA ILE B 23 14.06 -17.64 8.50
C ILE B 23 14.25 -18.15 7.07
N LYS B 24 13.43 -17.59 6.18
CA LYS B 24 13.47 -17.84 4.75
C LYS B 24 13.23 -16.52 4.03
N LEU B 25 14.02 -16.30 2.94
CA LEU B 25 13.89 -15.10 2.15
C LEU B 25 13.28 -15.43 0.80
N PRO B 26 12.57 -14.44 0.23
CA PRO B 26 12.09 -14.51 -1.15
C PRO B 26 13.26 -14.71 -2.11
N LYS B 27 13.01 -15.33 -3.25
CA LYS B 27 14.09 -15.51 -4.24
C LYS B 27 14.71 -14.16 -4.62
N LEU B 28 13.90 -13.10 -4.71
CA LEU B 28 14.37 -11.76 -5.10
C LEU B 28 15.37 -11.20 -4.10
N VAL B 29 15.22 -11.54 -2.81
CA VAL B 29 16.05 -11.03 -1.73
C VAL B 29 17.18 -12.00 -1.48
N SER B 30 18.29 -11.77 -2.18
CA SER B 30 19.28 -12.81 -2.39
C SER B 30 20.59 -12.15 -2.81
N ASP B 31 21.66 -12.95 -2.74
CA ASP B 31 22.99 -12.47 -3.06
C ASP B 31 23.01 -11.79 -4.43
N GLY B 32 23.71 -10.65 -4.44
CA GLY B 32 23.92 -9.92 -5.69
C GLY B 32 22.77 -8.98 -6.07
N MET B 33 21.77 -8.85 -5.21
CA MET B 33 20.62 -8.03 -5.54
C MET B 33 20.98 -6.54 -5.54
N VAL B 34 20.09 -5.79 -6.17
CA VAL B 34 20.09 -4.34 -6.10
C VAL B 34 18.93 -3.98 -5.19
N LEU B 35 19.17 -3.11 -4.20
CA LEU B 35 18.12 -2.46 -3.41
C LEU B 35 18.00 -1.01 -3.84
N GLN B 36 16.82 -0.42 -3.66
CA GLN B 36 16.64 0.95 -4.08
C GLN B 36 17.39 1.92 -3.17
N ARG B 37 18.21 2.78 -3.78
CA ARG B 37 18.92 3.83 -3.07
C ARG B 37 18.02 4.97 -2.61
N ASP B 38 18.53 5.66 -1.59
CA ASP B 38 18.07 6.98 -1.17
C ASP B 38 16.65 6.98 -0.63
N THR B 39 16.18 5.84 -0.08
CA THR B 39 14.87 5.76 0.52
C THR B 39 14.89 4.65 1.56
N PRO B 40 14.13 4.75 2.68
CA PRO B 40 13.98 3.61 3.60
C PRO B 40 13.43 2.43 2.80
N VAL B 41 14.18 1.35 2.82
CA VAL B 41 13.96 0.33 1.82
C VAL B 41 13.58 -0.99 2.50
N ASN B 42 12.58 -1.65 1.94
CA ASN B 42 12.04 -2.85 2.55
C ASN B 42 12.90 -4.08 2.38
N LEU B 43 13.04 -4.86 3.47
CA LEU B 43 13.47 -6.23 3.42
C LEU B 43 12.38 -7.03 4.10
N TRP B 44 12.09 -8.21 3.58
CA TRP B 44 10.95 -8.96 4.07
C TRP B 44 11.17 -10.44 3.78
N GLY B 45 10.47 -11.26 4.55
CA GLY B 45 10.55 -12.69 4.37
C GLY B 45 9.63 -13.43 5.33
N TRP B 46 10.02 -14.66 5.64
CA TRP B 46 9.22 -15.51 6.52
C TRP B 46 10.07 -16.05 7.65
N SER B 47 9.37 -16.50 8.71
CA SER B 47 10.03 -17.12 9.85
C SER B 47 8.94 -17.89 10.62
N LYS B 48 9.30 -18.42 11.78
CA LYS B 48 8.28 -18.89 12.69
C LYS B 48 7.36 -17.74 13.07
N PRO B 49 6.07 -17.99 13.36
CA PRO B 49 5.21 -16.97 13.94
C PRO B 49 5.83 -16.34 15.18
N GLN B 50 5.73 -15.00 15.25
CA GLN B 50 6.19 -14.20 16.37
C GLN B 50 7.70 -14.27 16.59
N GLU B 51 8.48 -14.77 15.62
CA GLU B 51 9.93 -14.88 15.78
C GLU B 51 10.56 -13.49 15.72
N VAL B 52 11.49 -13.26 16.63
CA VAL B 52 12.26 -12.02 16.64
C VAL B 52 13.51 -12.20 15.77
N ILE B 53 13.64 -11.29 14.81
CA ILE B 53 14.71 -11.36 13.80
C ILE B 53 15.71 -10.22 14.04
N SER B 54 16.99 -10.55 14.10
CA SER B 54 18.04 -9.54 14.20
CA SER B 54 18.08 -9.59 14.21
C SER B 54 18.71 -9.40 12.83
N ILE B 55 18.86 -8.17 12.37
CA ILE B 55 19.46 -7.88 11.08
CA ILE B 55 19.46 -7.89 11.08
C ILE B 55 20.57 -6.86 11.30
N VAL B 56 21.78 -7.14 10.78
CA VAL B 56 22.85 -6.17 10.83
C VAL B 56 23.21 -5.75 9.40
N PHE B 57 23.18 -4.43 9.19
CA PHE B 57 23.36 -3.83 7.88
C PHE B 57 24.08 -2.50 8.12
N ALA B 58 25.21 -2.33 7.42
CA ALA B 58 25.99 -1.08 7.52
C ALA B 58 26.30 -0.74 8.98
N GLU B 59 26.67 -1.77 9.75
CA GLU B 59 27.13 -1.63 11.14
C GLU B 59 26.01 -1.20 12.09
N LYS B 60 24.74 -1.35 11.70
CA LYS B 60 23.61 -1.02 12.56
C LYS B 60 22.78 -2.31 12.77
N ASN B 61 22.33 -2.50 14.02
CA ASN B 61 21.46 -3.59 14.40
C ASN B 61 20.00 -3.15 14.32
N TYR B 62 19.23 -3.90 13.55
CA TYR B 62 17.82 -3.75 13.44
C TYR B 62 17.15 -4.99 14.02
N THR B 63 15.92 -4.80 14.53
CA THR B 63 15.11 -5.90 15.02
C THR B 63 13.73 -5.77 14.41
N THR B 64 13.06 -6.90 14.14
CA THR B 64 11.64 -6.91 13.82
C THR B 64 11.09 -8.26 14.30
N ARG B 65 9.78 -8.33 14.49
CA ARG B 65 9.09 -9.54 14.93
C ARG B 65 8.06 -9.94 13.87
N ALA B 66 8.06 -11.22 13.56
CA ALA B 66 7.12 -11.75 12.58
C ALA B 66 5.71 -11.74 13.20
N ASP B 67 4.72 -11.66 12.33
CA ASP B 67 3.33 -11.73 12.73
C ASP B 67 2.90 -13.17 12.98
N SER B 68 1.58 -13.37 13.22
CA SER B 68 1.14 -14.70 13.62
C SER B 68 1.12 -15.69 12.45
N GLU B 69 1.28 -15.21 11.20
CA GLU B 69 1.43 -16.06 10.04
C GLU B 69 2.90 -16.34 9.68
N GLY B 70 3.83 -15.73 10.42
CA GLY B 70 5.25 -15.89 10.15
C GLY B 70 5.79 -14.92 9.09
N ASN B 71 5.11 -13.82 8.81
CA ASN B 71 5.57 -12.82 7.87
C ASN B 71 6.27 -11.71 8.66
N TRP B 72 7.48 -11.28 8.21
CA TRP B 72 8.17 -10.15 8.80
C TRP B 72 8.62 -9.18 7.70
N LYS B 73 8.79 -7.93 8.09
CA LYS B 73 9.27 -6.91 7.15
C LYS B 73 9.79 -5.74 7.97
N LEU B 74 10.81 -5.07 7.43
N LEU B 74 10.89 -5.11 7.50
CA LEU B 74 11.31 -3.86 8.07
CA LEU B 74 11.42 -3.92 8.15
C LEU B 74 11.87 -2.95 6.98
C LEU B 74 12.16 -3.05 7.13
N LYS B 75 12.18 -1.73 7.41
CA LYS B 75 12.83 -0.76 6.55
C LYS B 75 14.27 -0.58 6.98
N LEU B 76 15.20 -0.80 6.05
CA LEU B 76 16.59 -0.43 6.24
C LEU B 76 16.76 1.06 5.96
N ASP B 77 17.74 1.68 6.62
CA ASP B 77 17.98 3.09 6.47
C ASP B 77 18.35 3.44 5.02
N ALA B 78 17.88 4.63 4.62
CA ALA B 78 18.16 5.14 3.30
C ALA B 78 19.67 5.14 3.07
N THR B 79 20.10 4.58 1.94
CA THR B 79 21.50 4.40 1.61
C THR B 79 21.78 4.95 0.21
N PRO B 80 22.88 5.71 0.00
CA PRO B 80 23.18 6.23 -1.33
C PRO B 80 23.68 5.11 -2.24
N ALA B 81 23.70 5.39 -3.53
CA ALA B 81 24.21 4.44 -4.50
C ALA B 81 25.56 3.87 -4.07
N GLY B 82 25.71 2.56 -4.31
CA GLY B 82 27.00 1.93 -4.20
C GLY B 82 26.94 0.66 -3.37
N GLY B 83 28.11 0.23 -2.89
CA GLY B 83 28.27 -1.07 -2.31
C GLY B 83 29.64 -1.63 -2.64
N PRO B 84 29.92 -2.93 -2.42
CA PRO B 84 28.94 -3.92 -1.92
C PRO B 84 28.68 -3.85 -0.42
N TYR B 85 27.51 -4.34 -0.01
CA TYR B 85 27.16 -4.51 1.39
C TYR B 85 26.84 -5.98 1.67
N THR B 86 27.01 -6.37 2.96
CA THR B 86 26.39 -7.60 3.43
C THR B 86 25.20 -7.26 4.30
N ILE B 87 24.28 -8.22 4.42
CA ILE B 87 23.17 -8.08 5.35
C ILE B 87 23.11 -9.40 6.13
N ALA B 88 23.30 -9.36 7.43
CA ALA B 88 23.28 -10.58 8.24
C ALA B 88 21.93 -10.69 8.95
N LEU B 89 21.23 -11.81 8.80
CA LEU B 89 19.96 -12.02 9.47
C LEU B 89 20.10 -13.22 10.42
N SER B 90 19.51 -13.15 11.61
CA SER B 90 19.61 -14.25 12.58
C SER B 90 18.38 -14.34 13.46
N ALA B 91 18.03 -15.60 13.77
CA ALA B 91 17.00 -15.95 14.73
C ALA B 91 17.34 -17.38 15.14
N SER B 92 16.45 -18.34 14.81
CA SER B 92 16.79 -19.72 15.07
C SER B 92 17.90 -20.21 14.15
N ASN B 93 17.95 -19.66 12.94
CA ASN B 93 18.98 -19.91 11.94
C ASN B 93 19.55 -18.56 11.48
N THR B 94 20.56 -18.60 10.65
CA THR B 94 21.18 -17.38 10.17
C THR B 94 21.39 -17.48 8.66
N ILE B 95 21.30 -16.32 8.01
CA ILE B 95 21.51 -16.19 6.57
C ILE B 95 22.31 -14.90 6.37
N THR B 96 23.24 -14.91 5.41
CA THR B 96 23.96 -13.70 5.05
C THR B 96 23.75 -13.44 3.56
N LEU B 97 23.30 -12.23 3.26
CA LEU B 97 23.24 -11.71 1.90
C LEU B 97 24.54 -10.99 1.61
N ASN B 98 25.13 -11.34 0.46
CA ASN B 98 26.40 -10.84 0.02
C ASN B 98 26.26 -10.08 -1.30
N ASP B 99 27.18 -9.12 -1.52
CA ASP B 99 27.32 -8.41 -2.78
C ASP B 99 26.03 -7.64 -3.09
N VAL B 100 25.42 -7.07 -2.06
CA VAL B 100 24.24 -6.22 -2.21
C VAL B 100 24.67 -4.80 -2.59
N VAL B 101 24.08 -4.26 -3.65
CA VAL B 101 24.36 -2.87 -4.00
C VAL B 101 23.06 -2.06 -4.00
N PHE B 102 23.24 -0.73 -3.85
CA PHE B 102 22.14 0.21 -3.88
C PHE B 102 22.16 0.99 -5.17
N GLY B 103 20.99 1.09 -5.81
CA GLY B 103 20.88 1.77 -7.09
C GLY B 103 19.43 1.97 -7.41
N ASP B 104 19.12 2.09 -8.70
CA ASP B 104 17.73 2.24 -9.12
C ASP B 104 17.19 0.91 -9.68
N VAL B 105 16.10 0.46 -9.09
CA VAL B 105 15.48 -0.81 -9.42
C VAL B 105 14.25 -0.58 -10.28
N TRP B 106 14.25 -1.19 -11.46
CA TRP B 106 13.18 -1.04 -12.43
C TRP B 106 12.51 -2.39 -12.71
N LEU B 107 11.19 -2.40 -12.62
CA LEU B 107 10.40 -3.57 -13.05
C LEU B 107 10.04 -3.41 -14.52
N CYS B 108 10.35 -4.44 -15.33
CA CYS B 108 10.31 -4.37 -16.78
C CYS B 108 9.29 -5.44 -17.18
N SER B 109 8.20 -5.03 -17.79
CA SER B 109 7.09 -5.96 -18.02
C SER B 109 6.44 -5.75 -19.39
N GLY B 110 5.48 -6.64 -19.70
CA GLY B 110 4.72 -6.56 -20.92
C GLY B 110 4.74 -7.89 -21.69
N GLN B 111 4.60 -7.78 -23.02
CA GLN B 111 4.58 -8.98 -23.88
C GLN B 111 5.92 -9.14 -24.64
N SER B 112 5.92 -9.76 -25.83
CA SER B 112 7.16 -10.29 -26.38
C SER B 112 8.22 -9.23 -26.66
N ASN B 113 7.83 -8.00 -26.98
CA ASN B 113 8.83 -7.01 -27.35
C ASN B 113 9.58 -6.53 -26.09
N MET B 114 9.03 -6.72 -24.89
CA MET B 114 9.86 -6.58 -23.71
C MET B 114 10.68 -7.83 -23.45
N GLU B 115 10.13 -9.01 -23.73
CA GLU B 115 10.85 -10.25 -23.50
C GLU B 115 12.05 -10.40 -24.45
N LEU B 116 11.94 -9.90 -25.68
CA LEU B 116 12.83 -10.30 -26.77
C LEU B 116 14.29 -10.16 -26.34
N PRO B 117 15.06 -11.26 -26.34
CA PRO B 117 16.42 -11.21 -25.83
C PRO B 117 17.43 -10.69 -26.84
N MET B 118 18.58 -10.27 -26.28
CA MET B 118 19.70 -9.77 -27.07
C MET B 118 20.07 -10.77 -28.17
N SER B 119 20.00 -12.07 -27.87
CA SER B 119 20.31 -13.10 -28.90
C SER B 119 19.46 -12.92 -30.16
N ARG B 120 18.19 -12.51 -30.04
CA ARG B 120 17.26 -12.40 -31.14
C ARG B 120 17.56 -11.17 -31.98
N VAL B 121 18.26 -10.16 -31.42
CA VAL B 121 18.53 -8.94 -32.17
C VAL B 121 20.02 -8.84 -32.48
N SER B 122 20.75 -9.96 -32.31
CA SER B 122 22.20 -9.96 -32.41
C SER B 122 22.73 -9.37 -33.71
N PRO B 123 22.10 -9.51 -34.90
CA PRO B 123 22.69 -8.92 -36.12
C PRO B 123 22.91 -7.41 -36.10
N LEU B 124 22.09 -6.66 -35.36
CA LEU B 124 22.33 -5.23 -35.21
C LEU B 124 23.34 -4.92 -34.13
N TYR B 125 23.61 -5.86 -33.21
CA TYR B 125 24.31 -5.51 -31.98
C TYR B 125 25.46 -6.44 -31.67
N GLU B 126 26.21 -6.90 -32.70
CA GLU B 126 27.25 -7.88 -32.41
C GLU B 126 28.34 -7.32 -31.49
N ASP B 127 28.71 -6.05 -31.71
CA ASP B 127 29.72 -5.42 -30.89
CA ASP B 127 29.71 -5.33 -30.91
C ASP B 127 29.24 -5.26 -29.45
N GLU B 128 27.99 -4.81 -29.25
CA GLU B 128 27.44 -4.63 -27.92
C GLU B 128 27.38 -5.96 -27.17
N ILE B 129 27.06 -7.06 -27.87
CA ILE B 129 27.01 -8.35 -27.23
C ILE B 129 28.41 -8.83 -26.90
N ALA B 130 29.39 -8.67 -27.82
CA ALA B 130 30.71 -9.19 -27.56
C ALA B 130 31.41 -8.43 -26.45
N SER B 131 31.11 -7.15 -26.29
CA SER B 131 31.84 -6.39 -25.29
C SER B 131 31.01 -6.07 -24.03
N ALA B 132 29.80 -6.63 -23.90
CA ALA B 132 28.98 -6.37 -22.71
C ALA B 132 29.78 -6.71 -21.44
N ASN B 133 29.83 -5.77 -20.50
CA ASN B 133 30.60 -5.95 -19.30
C ASN B 133 30.23 -4.82 -18.35
N ASN B 134 29.38 -5.15 -17.37
CA ASN B 134 29.03 -4.16 -16.38
C ASN B 134 28.51 -4.83 -15.11
N ALA B 135 29.36 -4.77 -14.08
CA ALA B 135 29.03 -5.41 -12.80
C ALA B 135 27.92 -4.67 -12.06
N GLU B 136 27.56 -3.45 -12.51
CA GLU B 136 26.56 -2.64 -11.82
C GLU B 136 25.25 -2.59 -12.61
N ILE B 137 25.13 -3.36 -13.69
CA ILE B 137 23.83 -3.61 -14.30
C ILE B 137 23.48 -5.07 -13.99
N ARG B 138 22.38 -5.24 -13.20
CA ARG B 138 22.06 -6.55 -12.64
C ARG B 138 20.64 -6.89 -13.02
N TYR B 139 20.41 -8.18 -13.32
CA TYR B 139 19.20 -8.58 -13.99
C TYR B 139 18.60 -9.78 -13.28
N PHE B 140 17.30 -9.74 -13.08
CA PHE B 140 16.56 -10.79 -12.41
C PHE B 140 15.40 -11.23 -13.28
N GLU B 141 15.49 -12.46 -13.82
CA GLU B 141 14.43 -13.02 -14.68
C GLU B 141 13.38 -13.73 -13.83
N VAL B 142 12.12 -13.34 -14.02
CA VAL B 142 11.00 -13.91 -13.28
C VAL B 142 10.45 -15.10 -14.09
N PRO B 143 10.19 -16.24 -13.45
CA PRO B 143 9.57 -17.37 -14.14
C PRO B 143 8.24 -17.02 -14.76
N LYS B 144 7.99 -17.56 -15.94
CA LYS B 144 6.82 -17.25 -16.70
C LYS B 144 5.73 -18.23 -16.35
N THR B 145 4.76 -17.80 -15.55
CA THR B 145 3.74 -18.72 -15.07
C THR B 145 2.57 -17.92 -14.54
N TYR B 146 1.48 -18.62 -14.23
CA TYR B 146 0.23 -18.01 -13.82
C TYR B 146 -0.27 -18.63 -12.51
N ASP B 147 -1.18 -17.94 -11.82
CA ASP B 147 -1.92 -18.53 -10.72
C ASP B 147 -3.24 -17.82 -10.60
N PHE B 148 -4.36 -18.57 -10.50
CA PHE B 148 -5.66 -17.93 -10.47
C PHE B 148 -6.28 -17.92 -9.06
N LYS B 149 -5.69 -18.71 -8.15
CA LYS B 149 -6.23 -18.89 -6.81
C LYS B 149 -5.71 -17.89 -5.81
N GLU B 150 -4.47 -17.43 -5.97
CA GLU B 150 -3.95 -16.52 -4.96
C GLU B 150 -2.88 -15.61 -5.54
N GLU B 151 -2.77 -14.45 -4.90
CA GLU B 151 -1.62 -13.56 -5.07
C GLU B 151 -0.43 -14.20 -4.39
N LYS B 152 0.57 -14.57 -5.18
CA LYS B 152 1.73 -15.31 -4.70
C LYS B 152 2.71 -14.38 -4.00
N GLN B 153 3.38 -14.97 -3.01
CA GLN B 153 4.35 -14.26 -2.19
C GLN B 153 5.78 -14.55 -2.61
N ASP B 154 6.00 -15.55 -3.48
CA ASP B 154 7.33 -15.88 -3.95
C ASP B 154 7.22 -16.47 -5.35
N ILE B 155 8.36 -16.89 -5.90
CA ILE B 155 8.48 -17.51 -7.20
C ILE B 155 9.28 -18.80 -7.05
N THR B 156 9.31 -19.65 -8.08
CA THR B 156 9.92 -20.96 -7.91
C THR B 156 11.43 -20.91 -7.93
N PHE B 157 12.02 -20.02 -8.74
CA PHE B 157 13.45 -19.88 -8.76
C PHE B 157 13.78 -18.53 -9.38
N GLY B 158 15.01 -18.10 -9.16
CA GLY B 158 15.51 -16.89 -9.79
C GLY B 158 16.77 -16.43 -9.06
N LYS B 159 17.64 -15.73 -9.78
CA LYS B 159 18.85 -15.24 -9.18
C LYS B 159 19.25 -13.99 -9.96
N TRP B 160 19.96 -13.11 -9.26
CA TRP B 160 20.50 -11.91 -9.87
C TRP B 160 21.76 -12.21 -10.65
N GLU B 161 21.84 -11.64 -11.85
CA GLU B 161 23.02 -11.85 -12.68
CA GLU B 161 22.95 -11.85 -12.77
C GLU B 161 23.54 -10.49 -13.14
N LYS B 162 24.86 -10.42 -13.28
CA LYS B 162 25.51 -9.22 -13.79
C LYS B 162 25.68 -9.33 -15.29
N VAL B 163 25.89 -8.18 -15.93
CA VAL B 163 26.18 -8.15 -17.35
C VAL B 163 27.63 -8.58 -17.64
N THR B 164 27.74 -9.67 -18.41
CA THR B 164 29.01 -10.18 -18.91
C THR B 164 28.75 -10.69 -20.32
N PRO B 165 29.82 -10.99 -21.11
CA PRO B 165 29.57 -11.59 -22.41
C PRO B 165 28.84 -12.93 -22.35
N GLU B 166 28.96 -13.63 -21.22
CA GLU B 166 28.35 -14.94 -21.01
C GLU B 166 26.89 -14.88 -20.54
N THR B 167 26.40 -13.72 -20.01
CA THR B 167 25.03 -13.62 -19.57
C THR B 167 24.20 -12.79 -20.53
N ILE B 168 24.82 -11.91 -21.32
CA ILE B 168 24.07 -10.88 -22.04
C ILE B 168 23.06 -11.43 -23.04
N GLU B 169 23.36 -12.58 -23.69
CA GLU B 169 22.49 -13.01 -24.77
C GLU B 169 21.07 -13.33 -24.31
N ASN B 170 20.86 -13.66 -23.05
CA ASN B 170 19.53 -14.02 -22.58
C ASN B 170 18.75 -12.85 -21.98
N PHE B 171 19.34 -11.66 -21.90
CA PHE B 171 18.68 -10.50 -21.31
C PHE B 171 17.75 -9.85 -22.33
N SER B 172 16.62 -9.35 -21.84
CA SER B 172 15.74 -8.45 -22.58
C SER B 172 16.57 -7.35 -23.23
N ALA B 173 16.46 -7.19 -24.54
CA ALA B 173 17.18 -6.13 -25.22
C ALA B 173 16.69 -4.75 -24.83
N VAL B 174 15.37 -4.55 -24.79
CA VAL B 174 14.87 -3.23 -24.41
C VAL B 174 15.37 -2.86 -23.00
N ALA B 175 15.24 -3.80 -22.05
CA ALA B 175 15.65 -3.52 -20.69
C ALA B 175 17.16 -3.26 -20.56
N TYR B 176 17.96 -4.02 -21.30
CA TYR B 176 19.41 -3.83 -21.25
C TYR B 176 19.79 -2.47 -21.83
N PHE B 177 19.24 -2.08 -22.99
CA PHE B 177 19.63 -0.78 -23.54
C PHE B 177 19.13 0.39 -22.67
N PHE B 178 17.94 0.26 -22.05
CA PHE B 178 17.48 1.23 -21.06
C PHE B 178 18.50 1.38 -19.93
N ALA B 179 18.88 0.26 -19.33
CA ALA B 179 19.85 0.25 -18.24
C ALA B 179 21.22 0.79 -18.65
N LYS B 180 21.67 0.42 -19.85
CA LYS B 180 22.98 0.85 -20.30
C LYS B 180 22.99 2.38 -20.37
N ASN B 181 21.92 2.95 -20.91
CA ASN B 181 21.80 4.40 -21.03
C ASN B 181 21.80 5.07 -19.64
N LEU B 182 20.91 4.63 -18.74
CA LEU B 182 20.81 5.25 -17.42
C LEU B 182 22.08 5.06 -16.59
N ASN B 183 22.73 3.87 -16.69
CA ASN B 183 23.94 3.65 -15.93
C ASN B 183 25.03 4.61 -16.39
N ALA B 184 25.13 4.80 -17.69
CA ALA B 184 26.16 5.72 -18.22
C ALA B 184 25.88 7.15 -17.77
N GLU B 185 24.64 7.57 -17.80
CA GLU B 185 24.27 8.95 -17.45
C GLU B 185 24.36 9.18 -15.94
N LEU B 186 23.84 8.26 -15.13
CA LEU B 186 23.77 8.41 -13.67
C LEU B 186 24.95 7.87 -12.90
N GLN B 187 25.71 6.90 -13.44
CA GLN B 187 26.81 6.26 -12.76
C GLN B 187 26.36 5.64 -11.43
N VAL B 188 25.23 4.93 -11.45
CA VAL B 188 24.77 4.19 -10.30
C VAL B 188 24.33 2.82 -10.78
N PRO B 189 24.29 1.82 -9.89
CA PRO B 189 23.79 0.51 -10.26
C PRO B 189 22.35 0.62 -10.76
N ILE B 190 22.00 -0.25 -11.72
CA ILE B 190 20.66 -0.37 -12.24
C ILE B 190 20.26 -1.84 -12.05
N GLY B 191 19.16 -2.09 -11.34
CA GLY B 191 18.60 -3.42 -11.24
C GLY B 191 17.38 -3.55 -12.13
N LEU B 192 17.33 -4.65 -12.90
CA LEU B 192 16.26 -4.89 -13.84
C LEU B 192 15.55 -6.17 -13.39
N ILE B 193 14.25 -6.08 -13.07
CA ILE B 193 13.45 -7.28 -12.80
C ILE B 193 12.57 -7.49 -14.02
N ASN B 194 12.81 -8.58 -14.77
CA ASN B 194 12.11 -8.79 -16.01
C ASN B 194 10.96 -9.78 -15.78
N SER B 195 9.75 -9.25 -15.77
CA SER B 195 8.55 -10.04 -15.57
C SER B 195 7.66 -9.79 -16.79
N SER B 196 7.85 -10.63 -17.81
CA SER B 196 7.19 -10.44 -19.09
C SER B 196 6.75 -11.80 -19.64
N LEU B 197 5.83 -11.76 -20.59
CA LEU B 197 5.29 -13.00 -21.16
C LEU B 197 4.73 -12.77 -22.56
N GLY B 198 5.30 -13.51 -23.51
CA GLY B 198 4.96 -13.33 -24.91
C GLY B 198 3.50 -13.62 -25.18
N GLY B 199 2.89 -12.72 -25.96
CA GLY B 199 1.49 -12.87 -26.38
C GLY B 199 0.46 -12.43 -25.34
N SER B 200 0.93 -11.97 -24.17
CA SER B 200 0.00 -11.67 -23.09
C SER B 200 -0.78 -10.36 -23.34
N PRO B 201 -2.09 -10.34 -23.00
CA PRO B 201 -2.87 -9.12 -23.01
C PRO B 201 -2.85 -8.43 -21.64
N ALA B 202 -3.21 -7.15 -21.62
CA ALA B 202 -3.09 -6.32 -20.44
C ALA B 202 -3.85 -6.92 -19.27
N GLU B 203 -5.04 -7.49 -19.54
CA GLU B 203 -5.85 -7.93 -18.42
C GLU B 203 -5.24 -9.13 -17.68
N ALA B 204 -4.28 -9.86 -18.29
CA ALA B 204 -3.58 -10.93 -17.59
C ALA B 204 -2.73 -10.36 -16.43
N TRP B 205 -2.38 -9.08 -16.52
CA TRP B 205 -1.45 -8.44 -15.59
C TRP B 205 -2.13 -7.57 -14.55
N ILE B 206 -3.45 -7.61 -14.46
CA ILE B 206 -4.23 -6.79 -13.52
C ILE B 206 -4.77 -7.65 -12.39
N SER B 207 -4.71 -7.13 -11.14
CA SER B 207 -5.16 -7.90 -9.99
C SER B 207 -6.70 -7.99 -9.97
N GLU B 208 -7.18 -8.87 -9.12
CA GLU B 208 -8.62 -9.05 -8.89
C GLU B 208 -9.30 -7.71 -8.58
N GLU B 209 -8.67 -6.86 -7.75
CA GLU B 209 -9.21 -5.56 -7.41
C GLU B 209 -9.40 -4.71 -8.66
N GLY B 210 -8.39 -4.66 -9.53
CA GLY B 210 -8.50 -3.89 -10.74
C GLY B 210 -9.52 -4.45 -11.72
N LEU B 211 -9.69 -5.76 -11.74
CA LEU B 211 -10.55 -6.37 -12.71
C LEU B 211 -12.03 -6.18 -12.36
N LYS B 212 -12.31 -5.63 -11.19
CA LYS B 212 -13.70 -5.35 -10.82
C LYS B 212 -14.34 -4.37 -11.79
N LYS B 213 -13.55 -3.51 -12.42
CA LYS B 213 -14.06 -2.56 -13.40
C LYS B 213 -14.35 -3.23 -14.75
N PHE B 214 -13.91 -4.49 -14.92
CA PHE B 214 -14.03 -5.20 -16.18
C PHE B 214 -14.69 -6.55 -15.91
N PRO B 215 -16.02 -6.58 -15.69
CA PRO B 215 -16.70 -7.82 -15.32
C PRO B 215 -16.51 -9.03 -16.22
N GLU B 216 -16.43 -8.83 -17.54
CA GLU B 216 -16.18 -9.94 -18.42
C GLU B 216 -14.81 -10.57 -18.11
N TYR B 217 -13.80 -9.75 -17.79
CA TYR B 217 -12.48 -10.33 -17.49
C TYR B 217 -12.47 -10.94 -16.10
N TYR B 218 -13.08 -10.30 -15.12
CA TYR B 218 -13.15 -10.84 -13.79
C TYR B 218 -13.81 -12.23 -13.78
N THR B 219 -14.88 -12.37 -14.54
CA THR B 219 -15.63 -13.64 -14.61
C THR B 219 -14.76 -14.76 -15.17
N GLU B 220 -13.96 -14.43 -16.18
CA GLU B 220 -13.07 -15.40 -16.82
C GLU B 220 -11.95 -15.84 -15.88
N ALA B 221 -11.38 -14.88 -15.14
CA ALA B 221 -10.40 -15.22 -14.12
C ALA B 221 -10.97 -16.17 -13.06
N GLU B 222 -12.22 -15.95 -12.67
CA GLU B 222 -12.86 -16.78 -11.66
C GLU B 222 -13.04 -18.21 -12.18
N ARG B 223 -13.30 -18.33 -13.48
CA ARG B 223 -13.50 -19.64 -14.12
C ARG B 223 -12.25 -20.50 -14.01
N PHE B 224 -11.06 -19.87 -14.13
CA PHE B 224 -9.79 -20.60 -14.11
C PHE B 224 -9.28 -20.94 -12.71
N LYS B 225 -10.07 -20.66 -11.65
CA LYS B 225 -9.74 -21.16 -10.34
C LYS B 225 -9.99 -22.66 -10.22
N ASP B 226 -10.65 -23.23 -11.24
CA ASP B 226 -10.93 -24.66 -11.29
C ASP B 226 -9.73 -25.43 -11.84
N ASN B 227 -9.00 -26.11 -10.96
CA ASN B 227 -7.83 -26.86 -11.37
C ASN B 227 -8.16 -28.01 -12.33
N ASP B 228 -9.36 -28.59 -12.19
CA ASP B 228 -9.77 -29.67 -13.07
C ASP B 228 -9.94 -29.16 -14.49
N LEU B 229 -10.47 -27.95 -14.64
CA LEU B 229 -10.63 -27.31 -15.93
C LEU B 229 -9.23 -27.11 -16.55
N ILE B 230 -8.29 -26.58 -15.78
CA ILE B 230 -6.95 -26.33 -16.31
C ILE B 230 -6.34 -27.65 -16.76
N ASP B 231 -6.38 -28.68 -15.89
CA ASP B 231 -5.79 -29.98 -16.22
C ASP B 231 -6.39 -30.57 -17.49
N SER B 232 -7.73 -30.50 -17.66
CA SER B 232 -8.36 -31.13 -18.82
C SER B 232 -8.03 -30.35 -20.10
N ILE B 233 -7.96 -29.01 -20.02
CA ILE B 233 -7.55 -28.23 -21.17
C ILE B 233 -6.09 -28.55 -21.51
N GLU B 234 -5.19 -28.60 -20.49
CA GLU B 234 -3.76 -28.68 -20.77
C GLU B 234 -3.43 -30.06 -21.34
N GLN B 235 -4.12 -31.07 -20.79
CA GLN B 235 -3.96 -32.45 -21.22
C GLN B 235 -4.50 -32.63 -22.65
N SER B 236 -5.68 -32.08 -22.93
CA SER B 236 -6.29 -32.17 -24.25
C SER B 236 -5.38 -31.49 -25.30
N ASP B 237 -4.82 -30.33 -24.97
CA ASP B 237 -4.00 -29.62 -25.94
C ASP B 237 -2.71 -30.39 -26.19
N GLN B 238 -2.12 -30.90 -25.11
CA GLN B 238 -0.82 -31.56 -25.19
C GLN B 238 -0.96 -32.85 -26.01
N THR B 239 -2.01 -33.63 -25.77
CA THR B 239 -2.13 -34.88 -26.51
CA THR B 239 -2.22 -34.89 -26.49
C THR B 239 -2.52 -34.63 -27.96
N ARG B 240 -3.27 -33.55 -28.25
N ARG B 240 -3.26 -33.54 -28.24
CA ARG B 240 -3.60 -33.21 -29.63
CA ARG B 240 -3.59 -33.19 -29.60
C ARG B 240 -2.31 -32.87 -30.41
C ARG B 240 -2.31 -32.87 -30.39
N ARG B 241 -1.42 -32.07 -29.80
CA ARG B 241 -0.18 -31.70 -30.48
C ARG B 241 0.74 -32.93 -30.67
N ASP B 242 0.91 -33.73 -29.62
CA ASP B 242 1.81 -34.86 -29.66
C ASP B 242 1.37 -35.87 -30.72
N THR B 243 0.04 -36.14 -30.83
CA THR B 243 -0.47 -37.08 -31.83
CA THR B 243 -0.47 -37.05 -31.80
C THR B 243 -0.36 -36.48 -33.22
N TRP B 244 -0.54 -35.17 -33.38
CA TRP B 244 -0.42 -34.60 -34.72
C TRP B 244 1.02 -34.79 -35.21
N TYR B 245 2.00 -34.51 -34.35
CA TYR B 245 3.38 -34.57 -34.81
C TYR B 245 3.79 -36.00 -35.08
N LYS B 246 3.32 -36.93 -34.23
CA LYS B 246 3.62 -38.35 -34.39
C LYS B 246 3.05 -38.86 -35.71
N THR B 247 1.80 -38.47 -36.02
CA THR B 247 1.14 -38.92 -37.23
C THR B 247 1.83 -38.32 -38.45
N LEU B 248 2.26 -37.04 -38.34
CA LEU B 248 2.96 -36.40 -39.44
CA LEU B 248 2.98 -36.38 -39.43
C LEU B 248 4.24 -37.18 -39.74
N ASN B 249 5.02 -37.55 -38.68
CA ASN B 249 6.28 -38.23 -38.94
CA ASN B 249 6.26 -38.29 -38.85
C ASN B 249 6.01 -39.63 -39.54
N ASP B 250 4.93 -40.30 -39.12
CA ASP B 250 4.61 -41.62 -39.63
C ASP B 250 4.18 -41.61 -41.09
N THR B 251 3.57 -40.50 -41.53
CA THR B 251 2.97 -40.41 -42.84
C THR B 251 3.81 -39.58 -43.78
N ASP B 252 4.99 -39.08 -43.35
CA ASP B 252 5.76 -38.23 -44.24
C ASP B 252 6.60 -39.04 -45.22
N GLN B 253 6.27 -38.92 -46.50
CA GLN B 253 6.94 -39.61 -47.61
C GLN B 253 8.45 -39.36 -47.61
N GLY B 254 8.85 -38.19 -47.11
CA GLY B 254 10.26 -37.84 -47.11
C GLY B 254 11.07 -38.54 -46.02
N ILE B 255 10.43 -38.97 -44.93
CA ILE B 255 11.12 -39.78 -43.92
C ILE B 255 11.24 -41.22 -44.46
N ILE B 256 10.13 -41.70 -44.99
CA ILE B 256 10.04 -43.06 -45.53
C ILE B 256 11.12 -43.27 -46.63
N ASN B 257 11.27 -42.28 -47.52
CA ASN B 257 12.06 -42.38 -48.72
C ASN B 257 13.41 -41.65 -48.64
N ASN B 258 13.82 -41.22 -47.44
CA ASN B 258 15.13 -40.65 -47.21
CA ASN B 258 15.14 -40.67 -47.22
C ASN B 258 15.37 -39.43 -48.12
N TRP B 259 14.39 -38.53 -48.18
CA TRP B 259 14.58 -37.35 -49.02
C TRP B 259 15.65 -36.40 -48.42
N LYS B 260 16.05 -36.58 -47.18
CA LYS B 260 17.08 -35.71 -46.63
C LYS B 260 18.44 -35.96 -47.29
N SER B 261 18.60 -37.12 -47.94
CA SER B 261 19.85 -37.50 -48.61
C SER B 261 20.36 -36.45 -49.57
N ALA B 262 21.68 -36.16 -49.60
CA ALA B 262 22.18 -35.23 -50.60
C ALA B 262 22.00 -35.71 -52.03
N ASP B 263 22.00 -37.04 -52.24
CA ASP B 263 22.03 -37.66 -53.55
C ASP B 263 20.61 -37.96 -54.05
N PHE B 264 19.60 -37.68 -53.22
CA PHE B 264 18.24 -37.95 -53.64
C PHE B 264 17.92 -37.18 -54.91
N ASP B 265 17.32 -37.89 -55.88
CA ASP B 265 17.10 -37.29 -57.17
C ASP B 265 15.72 -36.62 -57.20
N PHE B 266 15.73 -35.28 -57.18
CA PHE B 266 14.53 -34.47 -57.13
C PHE B 266 14.30 -33.82 -58.49
N SER B 267 14.95 -34.35 -59.57
CA SER B 267 14.77 -33.78 -60.90
C SER B 267 13.31 -33.77 -61.34
N GLY B 268 12.48 -34.72 -60.90
CA GLY B 268 11.07 -34.71 -61.31
C GLY B 268 10.12 -33.90 -60.42
N TRP B 269 10.65 -33.26 -59.37
CA TRP B 269 9.83 -32.41 -58.54
C TRP B 269 9.48 -31.14 -59.28
N LYS B 270 8.34 -30.52 -58.95
CA LYS B 270 8.02 -29.20 -59.46
C LYS B 270 8.82 -28.11 -58.71
N ILE B 271 8.71 -26.88 -59.23
CA ILE B 271 9.52 -25.75 -58.82
C ILE B 271 8.65 -24.63 -58.23
N MET B 272 9.10 -24.01 -57.13
CA MET B 272 8.47 -22.78 -56.66
C MET B 272 9.57 -21.82 -56.24
N ASN B 273 9.25 -20.53 -56.29
CA ASN B 273 10.21 -19.53 -55.88
C ASN B 273 10.15 -19.40 -54.35
N ILE B 274 11.34 -19.21 -53.76
CA ILE B 274 11.50 -18.77 -52.39
C ILE B 274 12.01 -17.32 -52.46
N PRO B 275 11.47 -16.38 -51.68
CA PRO B 275 10.37 -16.64 -50.73
C PRO B 275 9.01 -16.80 -51.42
N GLY B 276 8.04 -17.33 -50.67
CA GLY B 276 6.73 -17.68 -51.21
C GLY B 276 6.09 -18.80 -50.40
N TYR B 277 4.80 -19.00 -50.66
CA TYR B 277 3.93 -19.92 -49.95
C TYR B 277 3.45 -20.98 -50.93
N TRP B 278 3.37 -22.23 -50.48
CA TRP B 278 2.97 -23.30 -51.39
C TRP B 278 1.47 -23.28 -51.71
N ALA B 279 0.68 -22.45 -51.02
CA ALA B 279 -0.74 -22.37 -51.39
C ALA B 279 -0.95 -21.84 -52.81
N ALA B 280 0.08 -21.18 -53.37
CA ALA B 280 0.10 -20.70 -54.74
C ALA B 280 0.39 -21.82 -55.74
N THR B 281 0.81 -23.02 -55.28
CA THR B 281 1.15 -24.15 -56.13
C THR B 281 -0.03 -25.11 -56.19
N GLU B 282 0.13 -26.24 -56.88
CA GLU B 282 -0.96 -27.20 -56.97
C GLU B 282 -1.15 -27.96 -55.66
N ILE B 283 -0.23 -27.83 -54.67
CA ILE B 283 -0.48 -28.33 -53.33
C ILE B 283 -1.70 -27.62 -52.72
N GLY B 284 -1.83 -26.31 -52.96
CA GLY B 284 -2.95 -25.54 -52.47
C GLY B 284 -2.87 -25.33 -50.97
N ASP B 285 -4.03 -25.33 -50.29
CA ASP B 285 -4.07 -24.77 -48.94
C ASP B 285 -3.83 -25.81 -47.84
N LYS B 286 -3.02 -26.83 -48.15
CA LYS B 286 -2.85 -27.96 -47.25
CA LYS B 286 -2.82 -27.97 -47.28
C LYS B 286 -1.80 -27.64 -46.18
N ASN B 287 -2.01 -28.25 -45.01
CA ASN B 287 -1.05 -28.26 -43.94
C ASN B 287 -0.36 -29.62 -43.87
N GLY B 288 0.65 -29.73 -43.01
CA GLY B 288 1.48 -30.91 -42.90
C GLY B 288 2.93 -30.55 -43.23
N SER B 289 3.57 -31.35 -44.08
CA SER B 289 4.95 -31.05 -44.38
C SER B 289 5.18 -31.04 -45.88
N VAL B 290 6.09 -30.15 -46.26
CA VAL B 290 6.53 -29.99 -47.62
C VAL B 290 8.05 -29.87 -47.60
N TRP B 291 8.71 -30.54 -48.53
CA TRP B 291 10.15 -30.55 -48.65
C TRP B 291 10.61 -29.68 -49.81
N PHE B 292 11.80 -29.08 -49.63
CA PHE B 292 12.36 -28.14 -50.58
C PHE B 292 13.82 -28.49 -50.81
N LYS B 293 14.25 -28.46 -52.08
CA LYS B 293 15.61 -28.80 -52.44
C LYS B 293 16.19 -27.81 -53.45
N LYS B 294 17.49 -27.53 -53.28
CA LYS B 294 18.21 -26.72 -54.24
C LYS B 294 19.68 -27.09 -54.27
N GLN B 295 20.25 -27.07 -55.48
CA GLN B 295 21.68 -27.28 -55.62
C GLN B 295 22.33 -25.91 -55.71
N VAL B 296 23.45 -25.76 -55.01
CA VAL B 296 24.15 -24.49 -54.91
C VAL B 296 25.61 -24.76 -55.23
N GLU B 297 26.21 -23.86 -56.00
CA GLU B 297 27.62 -23.89 -56.36
C GLU B 297 28.43 -23.12 -55.31
N ILE B 298 29.41 -23.79 -54.73
CA ILE B 298 30.26 -23.20 -53.72
C ILE B 298 31.69 -23.10 -54.24
N PRO B 299 32.26 -21.88 -54.21
CA PRO B 299 33.67 -21.68 -54.57
C PRO B 299 34.65 -22.31 -53.59
N LYS B 300 35.83 -22.67 -54.11
CA LYS B 300 36.89 -23.22 -53.29
C LYS B 300 37.23 -22.34 -52.08
N LYS B 301 37.17 -21.01 -52.21
CA LYS B 301 37.52 -20.12 -51.12
C LYS B 301 36.58 -20.26 -49.92
N TRP B 302 35.42 -20.90 -50.12
CA TRP B 302 34.44 -20.98 -49.06
C TRP B 302 34.58 -22.29 -48.28
N LEU B 303 35.53 -23.13 -48.64
CA LEU B 303 35.66 -24.45 -48.04
C LEU B 303 36.48 -24.39 -46.76
N ASN B 304 36.24 -25.40 -45.90
CA ASN B 304 36.98 -25.56 -44.65
C ASN B 304 36.89 -24.31 -43.77
N ARG B 305 35.78 -23.59 -43.84
CA ARG B 305 35.49 -22.47 -42.96
C ARG B 305 34.06 -22.55 -42.48
N PRO B 306 33.74 -22.02 -41.28
CA PRO B 306 32.35 -21.90 -40.83
C PRO B 306 31.64 -20.81 -41.64
N ILE B 307 30.44 -21.17 -42.12
CA ILE B 307 29.64 -20.35 -43.03
C ILE B 307 28.33 -20.10 -42.27
N LYS B 308 27.67 -18.99 -42.53
CA LYS B 308 26.35 -18.73 -41.98
C LYS B 308 25.29 -18.96 -43.05
N LEU B 309 24.19 -19.65 -42.69
CA LEU B 309 23.05 -19.81 -43.54
C LEU B 309 21.89 -19.04 -42.91
N LEU B 310 21.37 -18.08 -43.65
CA LEU B 310 20.18 -17.34 -43.29
C LEU B 310 19.03 -17.88 -44.15
N MET B 311 17.98 -18.36 -43.49
CA MET B 311 16.78 -18.83 -44.18
CA MET B 311 16.78 -18.82 -44.19
C MET B 311 15.55 -18.07 -43.68
N GLY B 312 15.65 -16.74 -43.63
CA GLY B 312 14.47 -15.91 -43.50
C GLY B 312 13.65 -16.25 -42.27
N ARG B 313 12.35 -16.33 -42.49
CA ARG B 313 11.39 -16.77 -41.50
C ARG B 313 10.47 -17.78 -42.15
N ILE B 314 10.17 -18.88 -41.45
CA ILE B 314 9.41 -19.97 -42.05
C ILE B 314 8.14 -20.25 -41.26
N VAL B 315 7.02 -20.46 -41.93
CA VAL B 315 5.78 -20.83 -41.30
C VAL B 315 5.56 -22.34 -41.46
N ASP B 316 5.72 -23.16 -40.41
CA ASP B 316 5.87 -22.86 -39.00
C ASP B 316 7.21 -23.31 -38.44
N ALA B 317 7.72 -24.47 -38.94
CA ALA B 317 8.85 -25.14 -38.35
C ALA B 317 9.68 -25.72 -39.48
N ASP B 318 10.98 -25.92 -39.24
CA ASP B 318 11.83 -26.39 -40.33
C ASP B 318 12.96 -27.16 -39.73
N SER B 319 13.48 -28.10 -40.53
CA SER B 319 14.78 -28.72 -40.37
C SER B 319 15.56 -28.48 -41.65
N ILE B 320 16.85 -28.14 -41.53
CA ILE B 320 17.68 -27.88 -42.69
C ILE B 320 18.87 -28.84 -42.69
N PHE B 321 19.12 -29.44 -43.86
CA PHE B 321 20.25 -30.28 -44.14
C PHE B 321 21.09 -29.64 -45.24
N VAL B 322 22.41 -29.73 -45.10
CA VAL B 322 23.34 -29.35 -46.12
C VAL B 322 24.18 -30.59 -46.47
N ASN B 323 24.10 -31.00 -47.74
CA ASN B 323 24.58 -32.30 -48.17
C ASN B 323 23.98 -33.36 -47.26
N ASP B 324 24.79 -34.20 -46.63
CA ASP B 324 24.28 -35.27 -45.78
C ASP B 324 24.26 -34.90 -44.30
N THR B 325 24.34 -33.60 -43.99
CA THR B 325 24.51 -33.15 -42.62
C THR B 325 23.30 -32.30 -42.19
N PHE B 326 22.65 -32.68 -41.08
CA PHE B 326 21.65 -31.86 -40.42
C PHE B 326 22.33 -30.68 -39.74
N ILE B 327 21.93 -29.45 -40.11
CA ILE B 327 22.54 -28.22 -39.63
CA ILE B 327 22.58 -28.28 -39.55
C ILE B 327 21.73 -27.56 -38.52
N GLY B 328 20.40 -27.66 -38.55
CA GLY B 328 19.62 -26.85 -37.61
C GLY B 328 18.11 -26.99 -37.80
N ASN B 329 17.35 -26.60 -36.77
CA ASN B 329 15.91 -26.59 -36.84
C ASN B 329 15.37 -25.46 -35.97
N THR B 330 14.18 -25.01 -36.34
CA THR B 330 13.43 -24.02 -35.57
C THR B 330 12.00 -24.54 -35.41
N THR B 331 11.42 -24.37 -34.22
CA THR B 331 10.17 -25.08 -33.91
C THR B 331 8.90 -24.25 -34.10
N TYR B 332 8.99 -22.95 -34.38
CA TYR B 332 7.82 -22.14 -34.52
C TYR B 332 8.13 -20.94 -35.40
N GLN B 333 7.09 -20.21 -35.80
CA GLN B 333 7.21 -19.36 -36.94
C GLN B 333 7.95 -18.04 -36.68
N TYR B 334 8.12 -17.64 -35.41
CA TYR B 334 8.60 -16.28 -35.17
C TYR B 334 10.11 -16.09 -35.27
N PRO B 335 11.02 -16.96 -34.76
CA PRO B 335 12.46 -16.71 -34.84
C PRO B 335 13.01 -16.66 -36.26
N PRO B 336 13.88 -15.69 -36.58
CA PRO B 336 14.68 -15.76 -37.80
C PRO B 336 15.52 -17.04 -37.78
N ARG B 337 15.73 -17.59 -39.00
CA ARG B 337 16.57 -18.76 -39.20
C ARG B 337 17.99 -18.30 -39.48
N ARG B 338 18.88 -18.57 -38.54
CA ARG B 338 20.28 -18.21 -38.62
CA ARG B 338 20.27 -18.21 -38.63
C ARG B 338 21.08 -19.43 -38.22
N TYR B 339 21.59 -20.20 -39.18
CA TYR B 339 22.20 -21.47 -38.85
C TYR B 339 23.68 -21.41 -39.19
N GLU B 340 24.48 -22.22 -38.50
N GLU B 340 24.48 -22.18 -38.45
CA GLU B 340 25.91 -22.26 -38.73
CA GLU B 340 25.89 -22.33 -38.74
C GLU B 340 26.26 -23.53 -39.50
C GLU B 340 26.06 -23.52 -39.67
N ILE B 341 26.97 -23.39 -40.63
CA ILE B 341 27.50 -24.52 -41.36
C ILE B 341 28.98 -24.65 -41.00
N PRO B 342 29.37 -25.55 -40.09
CA PRO B 342 30.80 -25.76 -39.81
C PRO B 342 31.62 -26.18 -41.02
N ALA B 343 32.93 -25.92 -40.88
CA ALA B 343 33.93 -26.34 -41.83
C ALA B 343 33.85 -27.85 -42.03
N GLY B 344 34.01 -28.28 -43.28
CA GLY B 344 34.09 -29.69 -43.66
C GLY B 344 32.81 -30.24 -44.29
N ILE B 345 31.72 -29.49 -44.27
CA ILE B 345 30.42 -29.95 -44.78
C ILE B 345 30.27 -29.59 -46.25
N LEU B 346 30.59 -28.34 -46.57
CA LEU B 346 30.57 -27.90 -47.96
C LEU B 346 31.70 -28.54 -48.74
N ARG B 347 31.41 -28.86 -50.01
CA ARG B 347 32.31 -29.50 -50.95
C ARG B 347 32.55 -28.53 -52.09
N ASP B 348 33.65 -28.70 -52.82
CA ASP B 348 33.93 -27.86 -53.98
C ASP B 348 32.90 -28.09 -55.10
N GLY B 349 32.22 -27.02 -55.53
CA GLY B 349 31.23 -27.12 -56.59
C GLY B 349 29.83 -27.41 -56.01
N LYS B 350 29.28 -28.56 -56.40
CA LYS B 350 27.86 -28.83 -56.24
C LYS B 350 27.56 -29.24 -54.80
N ASN B 351 26.60 -28.56 -54.17
CA ASN B 351 26.18 -28.85 -52.80
C ASN B 351 24.66 -28.85 -52.78
N THR B 352 24.04 -29.66 -51.93
CA THR B 352 22.58 -29.66 -51.89
C THR B 352 22.10 -29.08 -50.56
N ILE B 353 21.10 -28.20 -50.61
CA ILE B 353 20.40 -27.76 -49.43
C ILE B 353 18.99 -28.36 -49.45
N THR B 354 18.61 -29.01 -48.36
CA THR B 354 17.30 -29.61 -48.18
C THR B 354 16.61 -28.95 -46.98
N VAL B 355 15.37 -28.49 -47.19
CA VAL B 355 14.56 -27.93 -46.11
C VAL B 355 13.29 -28.73 -45.99
N ARG B 356 13.00 -29.25 -44.79
CA ARG B 356 11.71 -29.84 -44.52
C ARG B 356 10.89 -28.85 -43.70
N VAL B 357 9.79 -28.39 -44.26
CA VAL B 357 8.96 -27.43 -43.58
C VAL B 357 7.74 -28.18 -43.00
N LEU B 358 7.49 -27.93 -41.72
CA LEU B 358 6.27 -28.38 -41.05
C LEU B 358 5.33 -27.18 -40.85
N ASN B 359 4.06 -27.39 -41.17
CA ASN B 359 3.08 -26.34 -41.11
C ASN B 359 1.81 -26.82 -40.41
N GLU B 360 1.55 -26.25 -39.23
CA GLU B 360 0.42 -26.61 -38.39
C GLU B 360 -0.90 -26.07 -38.89
N SER B 361 -0.88 -24.82 -39.37
CA SER B 361 -2.11 -24.12 -39.72
C SER B 361 -1.74 -22.85 -40.49
N GLY B 362 -2.72 -22.32 -41.23
CA GLY B 362 -2.50 -21.17 -42.07
C GLY B 362 -1.65 -21.55 -43.28
N LYS B 363 -0.93 -20.57 -43.81
CA LYS B 363 -0.24 -20.75 -45.07
C LYS B 363 1.23 -21.03 -44.80
N GLY B 364 1.64 -22.26 -45.12
CA GLY B 364 3.02 -22.63 -44.90
C GLY B 364 3.92 -22.04 -45.98
N GLY B 365 5.16 -21.78 -45.60
CA GLY B 365 6.16 -21.34 -46.55
C GLY B 365 7.18 -20.38 -45.94
N PHE B 366 7.76 -19.56 -46.81
CA PHE B 366 8.92 -18.72 -46.53
C PHE B 366 8.52 -17.24 -46.68
N VAL B 367 8.68 -16.50 -45.60
CA VAL B 367 8.23 -15.11 -45.51
C VAL B 367 9.05 -14.19 -46.44
N GLU B 368 8.35 -13.31 -47.14
CA GLU B 368 8.98 -12.32 -48.03
C GLU B 368 9.78 -11.25 -47.28
N GLU B 369 10.68 -10.58 -48.03
CA GLU B 369 11.51 -9.47 -47.57
C GLU B 369 12.38 -9.86 -46.37
N LYS B 370 12.90 -11.10 -46.42
CA LYS B 370 13.79 -11.63 -45.44
C LYS B 370 15.01 -12.17 -46.18
N PRO B 371 16.16 -12.34 -45.49
CA PRO B 371 17.36 -12.86 -46.13
C PRO B 371 17.28 -14.38 -46.30
N TYR B 372 17.61 -14.85 -47.52
CA TYR B 372 17.82 -16.26 -47.83
C TYR B 372 19.17 -16.33 -48.52
N LYS B 373 20.22 -16.71 -47.81
CA LYS B 373 21.56 -16.55 -48.35
C LYS B 373 22.57 -17.28 -47.47
N LEU B 374 23.73 -17.59 -48.08
CA LEU B 374 24.90 -17.99 -47.34
C LEU B 374 25.80 -16.77 -47.19
N VAL B 375 26.49 -16.68 -46.05
CA VAL B 375 27.39 -15.55 -45.75
C VAL B 375 28.73 -16.04 -45.24
N MET B 376 29.79 -15.46 -45.81
CA MET B 376 31.14 -15.69 -45.34
C MET B 376 31.86 -14.34 -45.38
N ASP B 377 32.34 -13.88 -44.23
CA ASP B 377 32.95 -12.55 -44.19
C ASP B 377 31.90 -11.55 -44.68
N GLU B 378 32.22 -10.76 -45.72
CA GLU B 378 31.29 -9.78 -46.24
C GLU B 378 30.67 -10.29 -47.53
N GLN B 379 30.99 -11.53 -47.91
CA GLN B 379 30.52 -12.08 -49.16
C GLN B 379 29.22 -12.87 -48.93
N GLU B 380 28.44 -13.01 -50.00
CA GLU B 380 27.14 -13.62 -49.91
C GLU B 380 26.89 -14.49 -51.13
N ILE B 381 26.15 -15.61 -50.93
CA ILE B 381 25.56 -16.30 -52.05
C ILE B 381 24.05 -16.30 -51.84
N ASP B 382 23.32 -15.70 -52.77
CA ASP B 382 21.87 -15.57 -52.63
C ASP B 382 21.17 -16.90 -52.91
N LEU B 383 20.20 -17.30 -52.06
CA LEU B 383 19.49 -18.56 -52.20
C LEU B 383 18.07 -18.31 -52.68
N ARG B 384 17.68 -17.05 -52.80
CA ARG B 384 16.36 -16.77 -53.34
C ARG B 384 16.29 -17.30 -54.76
N GLY B 385 15.08 -17.65 -55.17
CA GLY B 385 14.78 -18.02 -56.54
C GLY B 385 14.19 -19.42 -56.55
N LYS B 386 14.52 -20.20 -57.57
CA LYS B 386 13.82 -21.45 -57.81
C LYS B 386 14.33 -22.55 -56.88
N TRP B 387 13.38 -23.20 -56.20
CA TRP B 387 13.60 -24.40 -55.43
C TRP B 387 12.63 -25.46 -55.93
N HIS B 388 13.11 -26.70 -55.95
CA HIS B 388 12.25 -27.85 -56.14
C HIS B 388 11.49 -28.16 -54.85
N TYR B 389 10.27 -28.67 -54.96
CA TYR B 389 9.45 -28.93 -53.78
C TYR B 389 8.61 -30.16 -54.02
N LYS B 390 8.20 -30.80 -52.92
CA LYS B 390 7.25 -31.90 -52.97
C LYS B 390 6.60 -32.09 -51.59
N LEU B 391 5.28 -32.31 -51.60
CA LEU B 391 4.54 -32.67 -50.41
C LEU B 391 5.16 -33.89 -49.74
N GLY B 392 5.33 -33.78 -48.43
CA GLY B 392 5.70 -34.92 -47.61
C GLY B 392 4.48 -35.65 -47.07
N SER B 393 3.65 -34.91 -46.30
CA SER B 393 2.46 -35.45 -45.67
C SER B 393 1.40 -34.36 -45.61
N GLU B 394 0.20 -34.68 -46.10
CA GLU B 394 -0.95 -33.81 -45.90
C GLU B 394 -1.58 -34.12 -44.58
N MET B 395 -1.75 -33.10 -43.72
CA MET B 395 -2.31 -33.30 -42.40
C MET B 395 -3.49 -32.34 -42.29
N PRO B 396 -4.55 -32.70 -41.55
CA PRO B 396 -5.56 -31.69 -41.20
C PRO B 396 -4.87 -30.64 -40.30
N PHE B 397 -5.36 -29.40 -40.34
CA PHE B 397 -4.71 -28.36 -39.53
C PHE B 397 -4.74 -28.76 -38.06
N LEU B 398 -3.67 -28.39 -37.36
CA LEU B 398 -3.58 -28.53 -35.92
C LEU B 398 -4.17 -27.27 -35.26
N GLN B 399 -5.27 -27.49 -34.55
CA GLN B 399 -5.90 -26.45 -33.72
C GLN B 399 -4.89 -26.00 -32.67
N GLY B 400 -4.63 -24.69 -32.58
CA GLY B 400 -3.78 -24.12 -31.55
C GLY B 400 -4.31 -24.37 -30.15
N GLN B 401 -3.40 -24.25 -29.18
CA GLN B 401 -3.75 -24.46 -27.79
C GLN B 401 -4.65 -23.35 -27.25
N THR B 402 -5.33 -23.65 -26.13
CA THR B 402 -5.82 -22.62 -25.24
C THR B 402 -4.60 -22.14 -24.44
N PHE B 403 -4.35 -20.82 -24.49
CA PHE B 403 -3.25 -20.20 -23.76
C PHE B 403 -3.78 -19.75 -22.41
N ILE B 404 -3.75 -20.67 -21.44
CA ILE B 404 -4.24 -20.39 -20.10
C ILE B 404 -3.44 -19.21 -19.53
N ARG B 405 -2.14 -19.14 -19.88
CA ARG B 405 -1.31 -18.05 -19.39
C ARG B 405 -1.70 -16.67 -19.88
N TRP B 406 -2.63 -16.55 -20.86
CA TRP B 406 -3.11 -15.27 -21.34
C TRP B 406 -4.43 -14.86 -20.68
N LYS B 407 -4.96 -15.70 -19.81
CA LYS B 407 -6.24 -15.38 -19.22
C LYS B 407 -6.09 -14.28 -18.17
N PRO B 408 -7.17 -13.58 -17.81
CA PRO B 408 -7.09 -12.42 -16.90
C PRO B 408 -6.53 -12.85 -15.54
N GLU B 409 -5.80 -11.91 -14.89
CA GLU B 409 -5.35 -11.97 -13.51
C GLU B 409 -4.14 -12.88 -13.28
N GLY B 410 -3.92 -13.95 -14.08
CA GLY B 410 -3.03 -14.99 -13.62
C GLY B 410 -1.55 -14.57 -13.54
N LEU B 411 -1.17 -13.65 -14.44
CA LEU B 411 0.19 -13.12 -14.49
C LEU B 411 0.43 -12.08 -13.39
N TYR B 412 -0.58 -11.26 -13.08
CA TYR B 412 -0.49 -10.42 -11.89
C TYR B 412 -0.13 -11.32 -10.70
N ASN B 413 -0.93 -12.37 -10.48
CA ASN B 413 -0.84 -13.15 -9.27
C ASN B 413 0.52 -13.82 -9.15
N ALA B 414 1.08 -14.35 -10.26
CA ALA B 414 2.30 -15.16 -10.13
C ALA B 414 3.54 -14.38 -10.50
N MET B 415 3.43 -13.26 -11.22
CA MET B 415 4.61 -12.57 -11.74
C MET B 415 4.73 -11.12 -11.30
N ILE B 416 3.71 -10.57 -10.62
CA ILE B 416 3.79 -9.20 -10.10
C ILE B 416 3.62 -9.17 -8.58
N ALA B 417 2.56 -9.80 -8.08
CA ALA B 417 2.29 -9.86 -6.65
C ALA B 417 3.50 -10.21 -5.79
N PRO B 418 4.41 -11.12 -6.15
CA PRO B 418 5.55 -11.43 -5.29
C PRO B 418 6.45 -10.24 -4.99
N PHE B 419 6.34 -9.18 -5.80
CA PHE B 419 7.31 -8.09 -5.75
C PHE B 419 6.72 -6.80 -5.19
N THR B 420 5.47 -6.78 -4.72
CA THR B 420 4.85 -5.53 -4.28
C THR B 420 5.51 -4.94 -3.02
N SER B 421 6.28 -5.71 -2.25
CA SER B 421 7.05 -5.19 -1.13
C SER B 421 8.39 -4.59 -1.56
N MET B 422 8.81 -4.83 -2.80
CA MET B 422 10.12 -4.36 -3.27
C MET B 422 10.03 -2.87 -3.65
N ASN B 423 10.86 -2.02 -3.04
CA ASN B 423 10.91 -0.63 -3.45
C ASN B 423 11.47 -0.56 -4.87
N LEU B 424 10.81 0.23 -5.71
CA LEU B 424 11.21 0.42 -7.10
C LEU B 424 11.44 1.89 -7.40
N LYS B 425 12.27 2.15 -8.42
CA LYS B 425 12.36 3.47 -8.97
C LYS B 425 11.21 3.70 -9.94
N GLY B 426 10.78 2.63 -10.65
CA GLY B 426 9.74 2.79 -11.64
C GLY B 426 9.52 1.48 -12.41
N VAL B 427 8.60 1.60 -13.37
CA VAL B 427 8.29 0.50 -14.29
C VAL B 427 8.59 0.95 -15.73
N ILE B 428 9.11 0.01 -16.54
CA ILE B 428 9.05 0.11 -18.00
C ILE B 428 8.16 -1.02 -18.53
N TRP B 429 7.35 -0.70 -19.53
CA TRP B 429 6.26 -1.57 -20.00
C TRP B 429 6.17 -1.47 -21.52
N TYR B 430 6.12 -2.63 -22.18
CA TYR B 430 5.98 -2.74 -23.64
C TYR B 430 4.94 -3.84 -23.94
N GLN B 431 3.72 -3.39 -24.19
CA GLN B 431 2.59 -4.33 -24.32
C GLN B 431 1.54 -3.61 -25.14
N GLY B 432 0.74 -4.40 -25.87
CA GLY B 432 -0.43 -3.80 -26.49
C GLY B 432 -0.81 -4.52 -27.78
N GLU B 433 0.16 -5.21 -28.37
CA GLU B 433 -0.09 -5.96 -29.61
C GLU B 433 -1.31 -6.89 -29.45
N SER B 434 -1.43 -7.54 -28.30
CA SER B 434 -2.51 -8.51 -28.06
C SER B 434 -3.84 -7.86 -27.68
N ASN B 435 -3.90 -6.53 -27.53
CA ASN B 435 -5.15 -5.81 -27.32
C ASN B 435 -5.54 -4.97 -28.54
N ALA B 436 -4.72 -4.99 -29.61
CA ALA B 436 -4.93 -4.07 -30.72
C ALA B 436 -6.19 -4.44 -31.53
N ASP B 437 -6.68 -5.66 -31.34
CA ASP B 437 -7.97 -6.11 -31.88
C ASP B 437 -9.16 -5.50 -31.11
N THR B 438 -8.94 -4.96 -29.90
CA THR B 438 -10.03 -4.41 -29.08
C THR B 438 -9.61 -3.07 -28.48
N PRO B 439 -9.31 -2.07 -29.31
CA PRO B 439 -8.72 -0.82 -28.79
C PRO B 439 -9.62 0.17 -28.08
N ALA B 440 -10.97 0.07 -28.27
CA ALA B 440 -11.83 1.07 -27.68
C ALA B 440 -11.82 0.99 -26.15
N GLU B 441 -11.50 -0.19 -25.61
CA GLU B 441 -11.43 -0.30 -24.16
C GLU B 441 -10.01 -0.06 -23.60
N TYR B 442 -8.99 0.03 -24.47
CA TYR B 442 -7.63 -0.13 -23.96
C TYR B 442 -7.16 1.03 -23.11
N GLN B 443 -7.54 2.28 -23.43
CA GLN B 443 -7.17 3.39 -22.57
C GLN B 443 -7.62 3.13 -21.12
N GLU B 444 -8.88 2.73 -20.95
CA GLU B 444 -9.41 2.48 -19.63
C GLU B 444 -8.72 1.27 -18.99
N LEU B 445 -8.50 0.19 -19.74
CA LEU B 445 -7.89 -1.04 -19.24
C LEU B 445 -6.46 -0.75 -18.76
N PHE B 446 -5.71 -0.02 -19.58
CA PHE B 446 -4.29 0.24 -19.29
C PHE B 446 -4.18 1.23 -18.13
N THR B 447 -5.05 2.25 -18.10
CA THR B 447 -5.13 3.20 -17.00
C THR B 447 -5.42 2.46 -15.68
N THR B 448 -6.32 1.46 -15.77
CA THR B 448 -6.69 0.64 -14.62
C THR B 448 -5.48 -0.18 -14.15
N LEU B 449 -4.66 -0.69 -15.09
CA LEU B 449 -3.49 -1.47 -14.71
C LEU B 449 -2.51 -0.59 -13.93
N ILE B 450 -2.25 0.61 -14.43
CA ILE B 450 -1.30 1.51 -13.82
C ILE B 450 -1.77 1.88 -12.41
N GLU B 451 -3.04 2.28 -12.26
CA GLU B 451 -3.55 2.59 -10.93
C GLU B 451 -3.59 1.36 -10.01
N ASP B 452 -3.86 0.18 -10.58
CA ASP B 452 -3.88 -1.08 -9.85
C ASP B 452 -2.51 -1.31 -9.23
N TRP B 453 -1.46 -1.28 -10.06
CA TRP B 453 -0.10 -1.54 -9.55
C TRP B 453 0.31 -0.50 -8.49
N ARG B 454 -0.03 0.75 -8.77
CA ARG B 454 0.33 1.79 -7.83
C ARG B 454 -0.33 1.55 -6.47
N SER B 455 -1.55 1.05 -6.49
CA SER B 455 -2.29 0.78 -5.27
C SER B 455 -1.61 -0.34 -4.48
N LYS B 456 -1.01 -1.32 -5.17
CA LYS B 456 -0.33 -2.42 -4.49
C LYS B 456 1.00 -2.05 -3.87
N TRP B 457 1.78 -1.22 -4.55
CA TRP B 457 3.07 -0.77 -4.02
C TRP B 457 2.93 0.32 -2.95
N ASN B 458 1.90 1.19 -3.14
N ASN B 458 1.72 0.86 -2.78
CA ASN B 458 1.64 2.41 -2.36
CA ASN B 458 1.49 1.87 -1.76
C ASN B 458 2.97 3.12 -2.03
C ASN B 458 2.50 2.99 -2.02
N ALA B 459 3.57 3.77 -3.03
N ALA B 459 2.95 3.00 -3.28
CA ALA B 459 4.79 4.54 -2.88
CA ALA B 459 3.55 4.14 -3.94
C ALA B 459 4.49 6.02 -3.05
C ALA B 459 2.58 4.50 -5.06
N PRO B 460 5.34 6.89 -2.51
N PRO B 460 1.69 5.48 -4.85
CA PRO B 460 5.14 8.33 -2.71
CA PRO B 460 0.99 6.09 -5.96
C PRO B 460 5.13 8.76 -4.18
C PRO B 460 2.12 6.83 -6.67
N GLU B 461 5.90 8.02 -5.00
N GLU B 461 1.84 7.44 -7.81
CA GLU B 461 6.10 8.25 -6.43
CA GLU B 461 2.83 8.24 -8.53
C GLU B 461 6.25 6.89 -7.10
C GLU B 461 4.13 7.55 -8.90
N PHE B 462 5.66 6.69 -8.27
N PHE B 462 4.41 6.26 -8.57
CA PHE B 462 5.84 5.44 -9.01
CA PHE B 462 5.69 5.64 -8.99
C PHE B 462 5.73 5.69 -10.49
C PHE B 462 5.70 5.70 -10.51
N PRO B 463 6.80 6.19 -11.13
CA PRO B 463 6.80 6.46 -12.56
C PRO B 463 6.52 5.19 -13.37
N PHE B 464 5.67 5.34 -14.37
CA PHE B 464 5.26 4.24 -15.22
C PHE B 464 5.53 4.67 -16.65
N LEU B 465 6.52 4.03 -17.29
CA LEU B 465 6.98 4.40 -18.62
C LEU B 465 6.62 3.30 -19.59
N PHE B 466 6.07 3.67 -20.75
CA PHE B 466 5.59 2.63 -21.64
C PHE B 466 5.92 2.92 -23.09
N VAL B 467 5.84 1.86 -23.88
CA VAL B 467 6.22 1.89 -25.28
C VAL B 467 4.98 1.84 -26.18
N GLN B 468 4.78 2.89 -26.96
CA GLN B 468 3.77 2.86 -27.99
C GLN B 468 4.12 1.84 -29.07
N LEU B 469 3.09 1.16 -29.60
CA LEU B 469 3.30 0.06 -30.54
C LEU B 469 4.03 0.55 -31.80
N ALA B 470 4.93 -0.28 -32.31
CA ALA B 470 5.73 0.06 -33.48
C ALA B 470 4.88 -0.05 -34.75
N ASN B 471 5.41 0.44 -35.86
CA ASN B 471 4.80 0.24 -37.17
C ASN B 471 4.87 -1.24 -37.53
N PHE B 472 3.78 -1.75 -38.15
CA PHE B 472 3.67 -3.14 -38.54
C PHE B 472 2.64 -3.30 -39.68
N MET B 473 2.80 -4.38 -40.44
CA MET B 473 1.90 -4.79 -41.53
C MET B 473 2.10 -3.91 -42.75
N ALA B 474 1.31 -4.14 -43.82
CA ALA B 474 1.52 -3.49 -45.10
C ALA B 474 1.24 -2.00 -44.96
N THR B 475 1.98 -1.18 -45.72
CA THR B 475 1.64 0.23 -45.88
C THR B 475 0.34 0.36 -46.70
N LYS B 476 -0.22 1.57 -46.72
CA LYS B 476 -1.46 1.88 -47.40
C LYS B 476 -1.33 3.22 -48.11
N GLU B 477 -1.80 3.30 -49.37
CA GLU B 477 -1.58 4.48 -50.21
C GLU B 477 -2.50 5.65 -49.87
N GLU B 478 -3.71 5.36 -49.38
CA GLU B 478 -4.70 6.39 -49.09
C GLU B 478 -5.03 6.41 -47.60
N PRO B 479 -5.61 7.53 -47.09
CA PRO B 479 -6.11 7.62 -45.72
C PRO B 479 -7.05 6.47 -45.38
N GLY B 480 -7.05 6.07 -44.10
CA GLY B 480 -7.73 4.85 -43.71
C GLY B 480 -7.77 4.76 -42.19
N ASP B 481 -8.69 3.95 -41.67
CA ASP B 481 -8.72 3.66 -40.24
C ASP B 481 -7.81 2.47 -39.97
N SER B 482 -7.46 2.27 -38.69
CA SER B 482 -6.52 1.25 -38.27
C SER B 482 -6.76 0.95 -36.79
N ASN B 483 -6.98 -0.31 -36.46
CA ASN B 483 -7.07 -0.74 -35.08
C ASN B 483 -5.70 -0.54 -34.38
N TRP B 484 -4.59 -0.80 -35.08
CA TRP B 484 -3.28 -0.53 -34.46
C TRP B 484 -3.11 0.96 -34.17
N ALA B 485 -3.54 1.84 -35.08
CA ALA B 485 -3.46 3.25 -34.79
C ALA B 485 -4.36 3.63 -33.63
N ARG B 486 -5.53 2.98 -33.50
CA ARG B 486 -6.38 3.27 -32.35
C ARG B 486 -5.70 2.84 -31.03
N LEU B 487 -4.99 1.72 -31.04
CA LEU B 487 -4.27 1.21 -29.86
C LEU B 487 -3.17 2.20 -29.47
N ARG B 488 -2.38 2.62 -30.47
CA ARG B 488 -1.38 3.66 -30.28
C ARG B 488 -1.98 4.92 -29.69
N ASP B 489 -3.19 5.27 -30.11
CA ASP B 489 -3.77 6.51 -29.64
C ASP B 489 -4.29 6.37 -28.21
N ALA B 490 -4.79 5.18 -27.85
CA ALA B 490 -5.18 4.84 -26.50
C ALA B 490 -3.96 4.96 -25.56
N GLN B 491 -2.81 4.52 -26.06
CA GLN B 491 -1.55 4.64 -25.33
C GLN B 491 -1.20 6.12 -25.13
N ARG B 492 -1.22 6.90 -26.22
CA ARG B 492 -0.96 8.32 -26.14
C ARG B 492 -1.84 9.01 -25.10
N ARG B 493 -3.13 8.70 -25.07
CA ARG B 493 -4.08 9.40 -24.21
C ARG B 493 -3.86 9.02 -22.74
N THR B 494 -3.24 7.86 -22.52
CA THR B 494 -2.99 7.41 -21.15
C THR B 494 -1.94 8.30 -20.49
N LEU B 495 -1.22 9.12 -21.27
CA LEU B 495 -0.30 10.05 -20.66
C LEU B 495 -0.97 11.14 -19.83
N ALA B 496 -2.30 11.23 -19.88
CA ALA B 496 -3.01 12.03 -18.89
C ALA B 496 -2.82 11.53 -17.46
N VAL B 497 -2.49 10.25 -17.29
CA VAL B 497 -2.19 9.72 -15.98
C VAL B 497 -0.90 10.34 -15.44
N PRO B 498 -0.86 10.82 -14.18
CA PRO B 498 0.34 11.42 -13.61
C PRO B 498 1.57 10.51 -13.61
N HIS B 499 2.74 11.15 -13.78
CA HIS B 499 4.02 10.48 -13.68
C HIS B 499 4.11 9.34 -14.67
N THR B 500 3.72 9.59 -15.92
CA THR B 500 3.86 8.65 -17.02
C THR B 500 4.68 9.28 -18.13
N GLY B 501 5.32 8.41 -18.90
CA GLY B 501 5.94 8.86 -20.14
C GLY B 501 6.00 7.73 -21.15
N MET B 502 6.21 8.07 -22.43
CA MET B 502 6.01 7.13 -23.51
C MET B 502 7.18 7.18 -24.50
N ALA B 503 7.59 6.03 -24.98
CA ALA B 503 8.52 5.96 -26.10
C ALA B 503 7.73 5.68 -27.37
N VAL B 504 8.02 6.45 -28.43
CA VAL B 504 7.38 6.29 -29.73
C VAL B 504 8.29 5.43 -30.58
N THR B 505 7.74 4.48 -31.36
CA THR B 505 8.49 3.49 -32.09
C THR B 505 8.03 3.39 -33.57
N ILE B 506 7.23 4.33 -34.03
CA ILE B 506 6.60 4.29 -35.33
C ILE B 506 7.61 4.37 -36.47
N ASP B 507 8.85 4.81 -36.17
CA ASP B 507 9.90 4.93 -37.16
C ASP B 507 10.90 3.77 -37.11
N ILE B 508 10.77 2.79 -36.19
CA ILE B 508 11.82 1.82 -35.95
C ILE B 508 11.27 0.40 -35.84
N GLY B 509 10.03 0.20 -36.26
CA GLY B 509 9.50 -1.13 -36.43
C GLY B 509 9.75 -1.68 -37.83
N GLU B 510 9.13 -2.83 -38.11
CA GLU B 510 9.29 -3.58 -39.35
C GLU B 510 7.89 -3.96 -39.84
N GLY B 511 7.57 -3.61 -41.11
CA GLY B 511 6.30 -3.96 -41.71
C GLY B 511 6.00 -5.45 -41.64
N ASN B 512 7.03 -6.30 -41.79
CA ASN B 512 6.85 -7.74 -41.90
C ASN B 512 7.40 -8.52 -40.70
N ASP B 513 7.56 -7.87 -39.53
CA ASP B 513 7.96 -8.61 -38.34
C ASP B 513 7.40 -7.84 -37.14
N ILE B 514 6.60 -8.53 -36.34
CA ILE B 514 6.02 -7.93 -35.14
C ILE B 514 7.08 -7.82 -34.02
N HIS B 515 8.25 -8.41 -34.24
CA HIS B 515 9.37 -8.40 -33.28
C HIS B 515 10.58 -7.70 -33.90
N PRO B 516 10.50 -6.38 -34.12
CA PRO B 516 11.57 -5.66 -34.82
C PRO B 516 12.86 -5.63 -34.03
N LEU B 517 13.97 -5.46 -34.76
CA LEU B 517 15.26 -5.74 -34.13
C LEU B 517 15.80 -4.52 -33.35
N ASN B 518 15.37 -3.32 -33.71
CA ASN B 518 15.99 -2.12 -33.16
C ASN B 518 15.41 -1.83 -31.78
N LYS B 519 15.98 -2.46 -30.77
CA LYS B 519 15.55 -2.24 -29.40
C LYS B 519 16.39 -1.16 -28.74
N LYS B 520 17.56 -0.83 -29.29
CA LYS B 520 18.40 0.17 -28.66
C LYS B 520 17.69 1.51 -28.65
N ASP B 521 17.06 1.89 -29.77
CA ASP B 521 16.32 3.14 -29.79
C ASP B 521 15.13 3.12 -28.83
N VAL B 522 14.51 1.95 -28.66
CA VAL B 522 13.41 1.83 -27.69
C VAL B 522 13.93 2.07 -26.27
N GLY B 523 15.05 1.41 -25.94
CA GLY B 523 15.67 1.61 -24.65
C GLY B 523 16.08 3.05 -24.40
N ASP B 524 16.64 3.71 -25.43
CA ASP B 524 17.10 5.09 -25.30
C ASP B 524 15.93 6.05 -25.13
N ARG B 525 14.83 5.76 -25.79
CA ARG B 525 13.60 6.58 -25.71
C ARG B 525 12.95 6.44 -24.33
N LEU B 526 12.91 5.21 -23.84
CA LEU B 526 12.46 4.99 -22.47
C LEU B 526 13.36 5.72 -21.47
N ALA B 527 14.68 5.66 -21.67
CA ALA B 527 15.60 6.31 -20.76
C ALA B 527 15.38 7.82 -20.74
N GLN B 528 15.07 8.41 -21.90
CA GLN B 528 14.83 9.83 -21.94
C GLN B 528 13.63 10.18 -21.07
N ALA B 529 12.57 9.39 -21.24
CA ALA B 529 11.40 9.60 -20.39
C ALA B 529 11.74 9.42 -18.91
N ALA B 530 12.56 8.44 -18.56
CA ALA B 530 12.95 8.28 -17.15
C ALA B 530 13.72 9.49 -16.64
N LYS B 531 14.64 9.99 -17.46
CA LYS B 531 15.44 11.13 -17.00
C LYS B 531 14.55 12.31 -16.60
N HIS B 532 13.50 12.57 -17.38
CA HIS B 532 12.55 13.64 -17.07
C HIS B 532 11.56 13.28 -15.97
N VAL B 533 10.85 12.17 -16.13
CA VAL B 533 9.77 11.79 -15.23
C VAL B 533 10.29 11.28 -13.89
N ALA B 534 11.26 10.37 -13.92
CA ALA B 534 11.67 9.70 -12.72
C ALA B 534 12.79 10.45 -12.00
N HIS B 535 13.64 11.16 -12.76
CA HIS B 535 14.80 11.79 -12.17
C HIS B 535 14.70 13.32 -12.13
N GLY B 536 13.66 13.89 -12.74
CA GLY B 536 13.40 15.33 -12.64
C GLY B 536 14.46 16.19 -13.30
N LYS B 537 15.15 15.66 -14.31
CA LYS B 537 16.21 16.39 -14.97
C LYS B 537 15.66 17.40 -15.95
N ASN B 538 16.56 18.36 -16.22
CA ASN B 538 16.36 19.51 -17.08
C ASN B 538 16.52 19.12 -18.55
N VAL B 539 15.69 18.19 -19.08
CA VAL B 539 15.83 17.66 -20.43
C VAL B 539 14.46 17.57 -21.06
N VAL B 540 14.43 17.45 -22.40
CA VAL B 540 13.19 17.24 -23.09
C VAL B 540 12.63 15.89 -22.67
N ALA B 541 11.31 15.78 -22.51
CA ALA B 541 10.72 14.62 -21.88
C ALA B 541 10.64 13.41 -22.82
N GLY B 542 10.85 13.63 -24.12
CA GLY B 542 10.72 12.57 -25.11
C GLY B 542 10.13 13.13 -26.40
N SER B 543 9.10 12.44 -26.91
CA SER B 543 8.54 12.69 -28.22
C SER B 543 7.53 13.84 -28.21
N PRO B 544 7.47 14.66 -29.29
CA PRO B 544 6.36 15.59 -29.47
C PRO B 544 5.01 14.90 -29.40
N LEU B 545 4.11 15.50 -28.62
CA LEU B 545 2.80 14.99 -28.27
C LEU B 545 1.74 16.03 -28.63
N TYR B 546 0.77 15.59 -29.43
CA TYR B 546 -0.39 16.39 -29.75
C TYR B 546 -0.97 16.99 -28.49
N ASP B 547 -1.10 18.32 -28.49
CA ASP B 547 -1.65 19.03 -27.35
C ASP B 547 -3.03 19.63 -27.68
N SER B 548 -3.17 20.33 -28.82
CA SER B 548 -4.45 20.98 -29.15
C SER B 548 -4.49 21.36 -30.62
N MET B 549 -5.72 21.65 -31.08
CA MET B 549 -5.95 22.08 -32.45
C MET B 549 -6.76 23.38 -32.44
N GLU B 550 -6.48 24.26 -33.42
CA GLU B 550 -7.25 25.48 -33.63
C GLU B 550 -7.60 25.63 -35.11
N ILE B 551 -8.85 26.01 -35.39
CA ILE B 551 -9.34 26.24 -36.75
C ILE B 551 -9.17 27.73 -37.08
N GLU B 552 -8.46 28.01 -38.19
CA GLU B 552 -8.48 29.30 -38.86
C GLU B 552 -8.76 29.11 -40.34
N GLY B 553 -10.06 29.17 -40.69
CA GLY B 553 -10.48 29.11 -42.07
C GLY B 553 -10.23 27.72 -42.69
N ASP B 554 -9.30 27.67 -43.65
CA ASP B 554 -9.02 26.44 -44.38
C ASP B 554 -7.90 25.65 -43.70
N THR B 555 -7.32 26.24 -42.64
CA THR B 555 -6.16 25.70 -41.94
C THR B 555 -6.57 25.17 -40.57
N ILE B 556 -5.95 24.06 -40.15
CA ILE B 556 -6.00 23.61 -38.76
C ILE B 556 -4.58 23.72 -38.19
N ILE B 557 -4.49 24.40 -37.06
CA ILE B 557 -3.23 24.65 -36.38
C ILE B 557 -3.04 23.62 -35.24
N ILE B 558 -2.00 22.78 -35.37
CA ILE B 558 -1.70 21.73 -34.39
C ILE B 558 -0.56 22.23 -33.51
N ARG B 559 -0.84 22.30 -32.20
CA ARG B 559 0.18 22.58 -31.18
C ARG B 559 0.63 21.28 -30.47
N PHE B 560 1.89 21.25 -30.02
CA PHE B 560 2.47 20.04 -29.43
C PHE B 560 3.10 20.35 -28.07
N LYS B 561 3.24 19.32 -27.21
CA LYS B 561 4.19 19.37 -26.09
C LYS B 561 5.48 18.66 -26.52
N ASN B 562 6.54 18.86 -25.72
CA ASN B 562 7.84 18.19 -25.87
C ASN B 562 8.44 18.52 -27.22
N THR B 563 8.37 19.80 -27.62
CA THR B 563 8.89 20.21 -28.91
C THR B 563 10.38 20.46 -28.79
N GLY B 564 10.88 20.57 -27.54
CA GLY B 564 12.30 20.68 -27.30
C GLY B 564 12.83 21.98 -27.86
N SER B 565 13.93 21.90 -28.59
CA SER B 565 14.46 23.09 -29.25
C SER B 565 13.79 23.30 -30.61
N GLY B 566 12.87 22.40 -31.02
CA GLY B 566 11.98 22.68 -32.15
C GLY B 566 11.62 21.45 -33.00
N LEU B 567 10.58 21.61 -33.83
CA LEU B 567 10.10 20.56 -34.71
C LEU B 567 10.83 20.61 -36.05
N MET B 568 11.02 19.44 -36.65
CA MET B 568 11.64 19.30 -37.97
C MET B 568 11.00 18.13 -38.68
N ALA B 569 11.14 18.08 -40.01
CA ALA B 569 10.69 16.97 -40.83
C ALA B 569 11.91 16.28 -41.44
N LYS B 570 11.96 14.96 -41.32
CA LYS B 570 13.12 14.22 -41.79
C LYS B 570 12.92 13.84 -43.26
N ASN B 571 13.95 14.17 -44.07
CA ASN B 571 14.09 13.66 -45.43
C ASN B 571 12.91 14.06 -46.30
N GLY B 572 12.45 15.29 -46.17
CA GLY B 572 11.36 15.77 -47.01
C GLY B 572 10.49 16.79 -46.27
N LYS B 573 9.38 17.18 -46.89
CA LYS B 573 8.45 18.03 -46.18
C LYS B 573 7.58 17.11 -45.31
N PRO B 574 6.84 17.72 -44.36
CA PRO B 574 5.98 16.95 -43.43
C PRO B 574 5.05 15.95 -44.10
N GLY B 575 5.19 14.67 -43.76
CA GLY B 575 4.40 13.63 -44.38
C GLY B 575 3.36 13.05 -43.44
N TYR B 576 2.44 12.28 -44.06
CA TYR B 576 1.46 11.42 -43.41
C TYR B 576 0.49 12.23 -42.56
N PHE B 577 0.26 13.51 -42.93
CA PHE B 577 -0.87 14.25 -42.42
C PHE B 577 -2.07 14.10 -43.37
N ALA B 578 -3.24 13.86 -42.78
CA ALA B 578 -4.50 13.90 -43.51
C ALA B 578 -5.46 14.85 -42.81
N ILE B 579 -6.45 15.35 -43.57
CA ILE B 579 -7.41 16.28 -43.05
C ILE B 579 -8.78 15.93 -43.63
N ALA B 580 -9.82 16.32 -42.87
CA ALA B 580 -11.20 15.98 -43.17
C ALA B 580 -12.11 17.12 -42.73
N GLY B 581 -13.27 17.23 -43.42
CA GLY B 581 -14.36 18.08 -42.98
C GLY B 581 -15.44 17.25 -42.28
N GLU B 582 -16.63 17.84 -42.12
CA GLU B 582 -17.74 17.24 -41.39
C GLU B 582 -18.19 15.91 -42.00
N ASP B 583 -17.89 15.68 -43.28
CA ASP B 583 -18.20 14.41 -43.91
C ASP B 583 -17.26 13.27 -43.43
N GLN B 584 -16.22 13.60 -42.63
CA GLN B 584 -15.27 12.62 -42.11
C GLN B 584 -14.53 11.89 -43.22
N LYS B 585 -14.31 12.57 -44.35
CA LYS B 585 -13.59 11.96 -45.46
C LYS B 585 -12.19 12.54 -45.47
N PHE B 586 -11.23 11.74 -45.02
CA PHE B 586 -9.85 12.21 -44.90
C PHE B 586 -9.19 12.15 -46.27
N ILE B 587 -8.39 13.18 -46.54
CA ILE B 587 -7.47 13.19 -47.68
C ILE B 587 -6.13 13.77 -47.26
N TRP B 588 -5.07 13.25 -47.92
CA TRP B 588 -3.71 13.71 -47.64
C TRP B 588 -3.70 15.23 -47.68
N ALA B 589 -3.04 15.85 -46.71
CA ALA B 589 -3.00 17.29 -46.57
C ALA B 589 -1.57 17.80 -46.66
N ASP B 590 -1.43 19.11 -46.93
CA ASP B 590 -0.15 19.76 -46.82
C ASP B 590 -0.04 20.33 -45.42
N ALA B 591 1.19 20.25 -44.93
CA ALA B 591 1.49 20.53 -43.55
C ALA B 591 2.83 21.27 -43.53
N VAL B 592 2.84 22.42 -42.86
CA VAL B 592 4.02 23.24 -42.76
C VAL B 592 4.35 23.45 -41.29
N ILE B 593 5.61 23.17 -40.93
CA ILE B 593 6.13 23.48 -39.61
C ILE B 593 6.34 25.00 -39.51
N LYS B 594 5.78 25.60 -38.45
CA LYS B 594 6.00 27.02 -38.21
C LYS B 594 6.19 27.27 -36.72
N ASP B 595 7.43 27.07 -36.24
CA ASP B 595 7.85 27.41 -34.89
C ASP B 595 7.86 26.14 -34.03
N ASP B 596 6.72 25.85 -33.41
CA ASP B 596 6.53 24.60 -32.71
C ASP B 596 5.10 24.13 -32.97
N LYS B 597 4.56 24.53 -34.13
CA LYS B 597 3.23 24.15 -34.57
C LYS B 597 3.30 23.58 -35.98
N ILE B 598 2.23 22.86 -36.37
CA ILE B 598 2.11 22.41 -37.74
C ILE B 598 0.76 22.90 -38.26
N LEU B 599 0.81 23.60 -39.42
CA LEU B 599 -0.38 24.11 -40.10
C LEU B 599 -0.77 23.15 -41.20
N VAL B 600 -2.02 22.65 -41.14
CA VAL B 600 -2.47 21.58 -42.00
C VAL B 600 -3.65 22.11 -42.84
N SER B 601 -3.69 21.76 -44.12
CA SER B 601 -4.78 22.20 -44.99
C SER B 601 -4.74 21.52 -46.34
N SER B 602 -5.90 21.62 -47.01
CA SER B 602 -6.08 21.13 -48.36
C SER B 602 -6.90 22.16 -49.12
N PRO B 603 -6.48 22.58 -50.33
CA PRO B 603 -7.39 23.26 -51.25
C PRO B 603 -8.75 22.57 -51.38
N ALA B 604 -8.77 21.24 -51.39
CA ALA B 604 -9.97 20.45 -51.61
C ALA B 604 -10.98 20.60 -50.46
N ILE B 605 -10.56 21.09 -49.30
CA ILE B 605 -11.45 21.20 -48.14
C ILE B 605 -11.31 22.59 -47.55
N LYS B 606 -12.45 23.27 -47.42
CA LYS B 606 -12.49 24.68 -47.07
C LYS B 606 -12.88 24.89 -45.61
N ASN B 607 -13.63 23.93 -45.04
CA ASN B 607 -13.97 24.00 -43.62
C ASN B 607 -13.55 22.70 -42.93
N PRO B 608 -12.22 22.46 -42.79
CA PRO B 608 -11.72 21.26 -42.08
C PRO B 608 -12.03 21.34 -40.59
N VAL B 609 -12.32 20.17 -40.00
CA VAL B 609 -12.62 20.07 -38.57
C VAL B 609 -11.72 19.05 -37.87
N ALA B 610 -10.97 18.20 -38.60
CA ALA B 610 -10.15 17.17 -37.97
C ALA B 610 -8.84 16.93 -38.72
N VAL B 611 -7.77 16.61 -37.96
CA VAL B 611 -6.49 16.20 -38.49
C VAL B 611 -6.10 14.81 -37.97
N ARG B 612 -5.45 14.02 -38.83
CA ARG B 612 -4.81 12.77 -38.43
C ARG B 612 -3.35 12.79 -38.89
N TYR B 613 -2.44 12.29 -38.01
CA TYR B 613 -1.04 12.16 -38.35
C TYR B 613 -0.60 10.73 -38.06
N GLY B 614 -0.05 10.08 -39.08
CA GLY B 614 0.51 8.74 -38.97
C GLY B 614 -0.56 7.71 -38.61
N TRP B 615 -1.79 7.94 -39.07
CA TRP B 615 -2.90 7.11 -38.67
C TRP B 615 -3.04 5.90 -39.58
N ALA B 616 -2.22 4.85 -39.33
CA ALA B 616 -2.15 3.69 -40.17
C ALA B 616 -1.45 2.57 -39.40
N ASP B 617 -1.57 1.36 -39.90
CA ASP B 617 -0.82 0.25 -39.37
C ASP B 617 0.69 0.56 -39.46
N ASN B 618 1.10 1.01 -40.65
CA ASN B 618 2.50 1.11 -41.01
C ASN B 618 2.65 2.43 -41.74
N PRO B 619 2.71 3.56 -41.02
CA PRO B 619 2.72 4.87 -41.63
C PRO B 619 4.08 5.34 -42.12
N GLU B 620 4.69 4.54 -42.99
CA GLU B 620 5.95 4.93 -43.60
C GLU B 620 5.75 6.26 -44.32
N GLY B 621 6.57 7.24 -43.96
CA GLY B 621 6.39 8.59 -44.44
C GLY B 621 6.10 9.60 -43.34
N ALA B 622 5.66 9.13 -42.15
CA ALA B 622 5.43 10.03 -41.04
C ALA B 622 6.79 10.38 -40.47
N ASN B 623 7.16 11.64 -40.58
CA ASN B 623 8.57 11.99 -40.54
C ASN B 623 8.82 13.20 -39.66
N ILE B 624 7.93 13.49 -38.70
CA ILE B 624 8.14 14.61 -37.78
C ILE B 624 8.92 14.17 -36.53
N TYR B 625 9.97 14.93 -36.21
CA TYR B 625 10.79 14.76 -35.02
C TYR B 625 10.94 16.09 -34.29
N ASN B 626 11.33 16.07 -33.00
CA ASN B 626 11.93 17.26 -32.43
C ASN B 626 13.42 17.22 -32.75
N LYS B 627 14.13 18.35 -32.54
CA LYS B 627 15.52 18.43 -32.97
C LYS B 627 16.45 17.60 -32.09
N GLU B 628 15.95 17.16 -30.93
CA GLU B 628 16.69 16.26 -30.06
C GLU B 628 16.57 14.81 -30.56
N GLY B 629 15.80 14.54 -31.64
CA GLY B 629 15.85 13.25 -32.31
C GLY B 629 14.68 12.28 -32.00
N PHE B 630 13.66 12.75 -31.29
CA PHE B 630 12.52 11.93 -30.89
C PHE B 630 11.35 12.10 -31.87
N PRO B 631 10.77 11.01 -32.41
CA PRO B 631 9.69 11.12 -33.41
C PRO B 631 8.38 11.50 -32.74
N ALA B 632 7.62 12.39 -33.39
CA ALA B 632 6.32 12.76 -32.84
C ALA B 632 5.41 11.54 -32.80
N SER B 633 4.58 11.45 -31.74
CA SER B 633 3.55 10.43 -31.71
C SER B 633 2.54 10.65 -32.86
N PRO B 634 2.07 9.56 -33.51
CA PRO B 634 0.86 9.63 -34.33
C PRO B 634 -0.26 10.16 -33.45
N PHE B 635 -1.26 10.81 -34.06
CA PHE B 635 -2.37 11.30 -33.28
C PHE B 635 -3.57 11.56 -34.18
N ARG B 636 -4.70 11.83 -33.56
CA ARG B 636 -5.90 12.28 -34.27
C ARG B 636 -6.52 13.33 -33.38
N THR B 637 -7.27 14.26 -33.99
CA THR B 637 -7.98 15.29 -33.25
C THR B 637 -9.40 14.82 -32.94
N ASP B 638 -9.91 13.84 -33.69
CA ASP B 638 -11.33 13.54 -33.69
C ASP B 638 -11.66 12.43 -32.69
N ASN B 639 -12.97 12.22 -32.50
CA ASN B 639 -13.50 11.15 -31.68
C ASN B 639 -14.43 10.22 -32.47
N TRP B 640 -14.18 10.05 -33.77
CA TRP B 640 -15.11 9.38 -34.67
C TRP B 640 -14.87 7.87 -34.69
#